data_9L6R
#
_entry.id   9L6R
#
_cell.length_a   1.00
_cell.length_b   1.00
_cell.length_c   1.00
_cell.angle_alpha   90.00
_cell.angle_beta   90.00
_cell.angle_gamma   90.00
#
_symmetry.space_group_name_H-M   'P 1'
#
loop_
_entity.id
_entity.type
_entity.pdbx_description
1 polymer 'Coagulation factor IX'
2 polymer 'Vitamin K-dependent gamma-carboxylase'
3 branched beta-D-mannopyranose-(1-4)-2-acetamido-2-deoxy-beta-D-glucopyranose-(1-4)-2-acetamido-2-deoxy-beta-D-glucopyranose
4 branched 2-acetamido-2-deoxy-beta-D-glucopyranose-(1-4)-2-acetamido-2-deoxy-beta-D-glucopyranose
5 non-polymer 2-methyl-3-[(2~{E},6~{E},10~{E})-3,7,11,15-tetramethylhexadeca-2,6,10,14-tetraenyl]naphthalene-1,4-diol
6 non-polymer '(4S,7R)-4-HYDROXY-N,N,N-TRIMETHYL-9-OXO-7-[(PALMITOYLOXY)METHYL]-3,5,8-TRIOXA-4-PHOSPHAHEXACOSAN-1-AMINIUM 4-OXIDE'
7 non-polymer CHOLESTEROL
#
loop_
_entity_poly.entity_id
_entity_poly.type
_entity_poly.pdbx_seq_one_letter_code
_entity_poly.pdbx_strand_id
1 'polypeptide(L)'
;MQRVNMIMAESPGLITICLLGYLLSAECTVFLDHENANKILNRPKRYNSGKLEEFVQGNLERECMEEKCSFEEAREVFEN
TERTTEFWKQYVDGDQCESNPCLNGGSCKDDINSYECWCPFGFEGKNCELDVTCNIKNGRCEQFCKNSADNKVVCSCTEG
YRLAENQKSCEPAVPFPCGRVSVSQTSKLTRAETVFPDVDYVNSTEAETILDNITQSTQSFNDFTRVVGGEDAKPGQFPW
QVVLNGKVDAFCGGSIVNEKWIVTAAHCVETGVKITVVAGEHNIEETEHTEQKRNVIRIIPHHNYNAAINKYNHDIALLE
LDEPLVLNSYVTPICIADKEYTNIFLKFGSGYVSGWGRVFHKGRSALVLQYLRVPLVDRATCLRSTKFTIYNNMFCAGFH
EGGRDSCQGDSGGPHVTEVEGTSFLTGIISWGEECAMKGKYGIYTKVSRYVNWIKEKTKLT
;
C
2 'polypeptide(L)'
;MAVSAGSARTSPSSDKVQKDKAELISGPRQDSRIGKLLGFEWTDLSSWRRLVTLLNRPTDPASLAVFRFLFGFLMVLDIP
QERGLSSLDRKYLDGLDVCRFPLLDALRPLPLDWMYLVYTIMFLGALGMMLGLCYRISCVLFLLPYWYVFLLDKTSWNNH
SYLYGLLAFQLTFMDANHYWSVDGLLNAHRRNAHVPLWNYAVLRGQIFIVYFIAGVAALDADWVEGYSMEYLSRHWLFSP
FKLLLSEELTSLLVVHWGGLLLDLSAGFLLFFDVSRSIGLFFVSYFHCMNSQLFSIGMFSYVMLASSPLFCSPEWPRKLV
SYCPRRLQQLLPLKAAPQPSVSCVYKRSRGKSGQKPGLRHQLGAAFTLLYLLEQLFLPYSHFLTQGYNNWTNGLYGYSWD
MMVHSRSHQHVKITYRDGRTGELGYLNPGVFTQSRRWKDHADMLKQYATCLSRLLPKYNVTEPQIYFDIWVSINDRFQQR
IFDPRVDIVQAAWSPFQRTSWVQPLLMDLSPWRAKLQEIKSSLDNHTEVVFIADFPGLHLENFVSEDLGNTSIQLLQGEV
TVELVAEQKNQTLREGEKMQLPAGEYHKVYTTSPSPSCYMYVYVNTTELALEQDLAYLQELKEKVENGSETGPLPPELQP
LLEGEVKGGPEPTPLVQTFLRRQQRLQEIERRRNTPFHERFFRFLLRKLYVFRRSFLMTCISLRNLILGRPSLEQLAQEV
TYANLRPFEAVGELNPSNTDSSHSNPPESNPDPVHSEF
;
A
#
# COMPACT_ATOMS: atom_id res chain seq x y z
N THR A 29 1.99 14.15 22.62
CA THR A 29 3.29 14.36 23.25
C THR A 29 4.35 14.72 22.21
N VAL A 30 4.43 16.00 21.87
CA VAL A 30 5.41 16.44 20.88
C VAL A 30 6.83 16.20 21.40
N PHE A 31 7.09 16.50 22.66
CA PHE A 31 8.41 16.35 23.26
C PHE A 31 8.47 15.05 24.07
N LEU A 32 9.61 14.38 23.98
CA LEU A 32 9.88 13.15 24.70
C LEU A 32 10.94 13.39 25.77
N ASP A 33 11.35 12.32 26.43
CA ASP A 33 12.41 12.35 27.41
C ASP A 33 13.48 11.32 27.04
N HIS A 34 14.58 11.36 27.80
CA HIS A 34 15.74 10.51 27.49
C HIS A 34 15.37 9.04 27.53
N GLU A 35 14.62 8.62 28.55
CA GLU A 35 14.33 7.20 28.73
C GLU A 35 13.50 6.63 27.58
N ASN A 36 12.46 7.36 27.16
CA ASN A 36 11.58 6.84 26.13
C ASN A 36 12.24 6.86 24.75
N ALA A 37 13.07 7.87 24.47
CA ALA A 37 13.68 7.98 23.16
C ALA A 37 14.61 6.82 22.85
N ASN A 38 15.36 6.37 23.86
CA ASN A 38 16.38 5.34 23.67
C ASN A 38 15.91 3.95 24.06
N LYS A 39 14.61 3.77 24.26
CA LYS A 39 14.06 2.47 24.67
C LYS A 39 13.84 1.64 23.41
N ILE A 40 14.90 0.94 22.98
CA ILE A 40 14.84 0.19 21.73
C ILE A 40 13.93 -1.02 21.85
N LEU A 41 14.05 -1.76 22.95
CA LEU A 41 13.32 -3.03 23.11
C LEU A 41 11.91 -2.79 23.63
N ASN A 42 11.18 -1.93 22.91
CA ASN A 42 9.80 -1.61 23.22
C ASN A 42 8.86 -2.35 22.27
N ARG A 43 7.66 -2.65 22.75
CA ARG A 43 6.66 -3.34 21.95
C ARG A 43 6.38 -2.52 20.69
N PRO A 44 6.82 -3.00 19.52
CA PRO A 44 6.59 -2.25 18.27
C PRO A 44 5.15 -2.39 17.81
N LYS A 45 4.42 -1.27 17.80
CA LYS A 45 3.04 -1.29 17.34
C LYS A 45 2.94 -1.74 15.90
N ARG A 46 3.83 -1.26 15.04
CA ARG A 46 3.87 -1.66 13.64
C ARG A 46 4.71 -2.93 13.45
N TYR A 47 4.38 -3.96 14.23
CA TYR A 47 5.11 -5.22 14.13
C TYR A 47 4.89 -5.88 12.77
N ASN A 48 3.67 -5.83 12.26
CA ASN A 48 3.36 -6.46 10.98
C ASN A 48 4.11 -5.76 9.84
N SER A 49 4.60 -6.55 8.90
CA SER A 49 5.31 -6.02 7.75
C SER A 49 4.33 -5.43 6.74
N GLY A 50 4.78 -4.37 6.06
CA GLY A 50 3.97 -3.71 5.07
C GLY A 50 4.44 -3.98 3.65
N LYS A 51 3.53 -3.83 2.68
CA LYS A 51 3.85 -4.10 1.28
C LYS A 51 4.02 -2.85 0.43
N LEU A 52 3.45 -1.72 0.84
CA LEU A 52 3.46 -0.45 0.12
C LEU A 52 2.47 -0.46 -1.04
N GLU A 53 1.83 -1.59 -1.33
CA GLU A 53 0.83 -1.68 -2.38
C GLU A 53 -0.59 -1.77 -1.85
N GLU A 54 -0.78 -2.05 -0.57
CA GLU A 54 -2.10 -2.24 0.00
C GLU A 54 -2.65 -0.92 0.52
N PHE A 55 -3.93 -0.68 0.25
CA PHE A 55 -4.59 0.53 0.71
C PHE A 55 -4.73 0.51 2.22
N VAL A 56 -4.52 1.68 2.85
CA VAL A 56 -4.63 1.84 4.29
C VAL A 56 -5.70 2.89 4.58
N GLN A 57 -6.59 2.57 5.51
CA GLN A 57 -7.66 3.49 5.89
C GLN A 57 -7.09 4.84 6.34
N SER B 32 -1.41 -15.78 -45.58
CA SER B 32 -0.22 -16.51 -45.15
C SER B 32 -0.35 -16.97 -43.70
N ARG B 33 0.55 -17.87 -43.29
CA ARG B 33 0.52 -18.35 -41.91
C ARG B 33 0.79 -17.22 -40.93
N ILE B 34 1.74 -16.34 -41.25
CA ILE B 34 2.03 -15.21 -40.37
C ILE B 34 0.82 -14.28 -40.29
N GLY B 35 0.19 -14.01 -41.42
CA GLY B 35 -0.98 -13.13 -41.41
C GLY B 35 -2.11 -13.66 -40.55
N LYS B 36 -2.28 -14.98 -40.52
CA LYS B 36 -3.31 -15.60 -39.70
C LYS B 36 -2.91 -15.69 -38.24
N LEU B 37 -1.64 -15.45 -37.91
CA LEU B 37 -1.14 -15.57 -36.55
C LEU B 37 -0.94 -14.23 -35.86
N LEU B 38 -0.37 -13.25 -36.54
CA LEU B 38 -0.10 -11.94 -35.95
C LEU B 38 -1.16 -10.90 -36.31
N GLY B 39 -1.98 -11.13 -37.33
CA GLY B 39 -2.97 -10.18 -37.75
C GLY B 39 -2.50 -9.17 -38.78
N PHE B 40 -1.25 -9.26 -39.23
CA PHE B 40 -0.73 -8.36 -40.25
C PHE B 40 0.34 -9.10 -41.04
N GLU B 41 1.03 -8.37 -41.92
CA GLU B 41 2.04 -8.96 -42.78
C GLU B 41 3.27 -8.05 -42.82
N TRP B 42 4.41 -8.64 -43.17
CA TRP B 42 5.65 -7.88 -43.21
C TRP B 42 5.56 -6.71 -44.19
N THR B 43 4.74 -6.85 -45.24
CA THR B 43 4.62 -5.77 -46.21
C THR B 43 4.03 -4.51 -45.58
N ASP B 44 3.25 -4.65 -44.52
CA ASP B 44 2.62 -3.49 -43.88
C ASP B 44 3.62 -2.59 -43.17
N LEU B 45 4.84 -3.07 -42.94
CA LEU B 45 5.89 -2.27 -42.30
C LEU B 45 6.91 -1.75 -43.29
N SER B 46 6.65 -1.90 -44.60
CA SER B 46 7.64 -1.53 -45.60
C SER B 46 7.91 -0.03 -45.59
N SER B 47 6.85 0.78 -45.51
CA SER B 47 6.99 2.23 -45.60
C SER B 47 6.12 2.89 -44.54
N TRP B 48 6.33 4.19 -44.35
CA TRP B 48 5.55 4.95 -43.38
C TRP B 48 4.08 4.98 -43.78
N ARG B 49 3.78 5.16 -45.07
CA ARG B 49 2.39 5.20 -45.50
C ARG B 49 1.69 3.89 -45.23
N ARG B 50 2.36 2.76 -45.49
CA ARG B 50 1.75 1.46 -45.22
C ARG B 50 1.55 1.25 -43.72
N LEU B 51 2.50 1.70 -42.90
CA LEU B 51 2.35 1.58 -41.46
C LEU B 51 1.16 2.40 -40.96
N VAL B 52 1.00 3.61 -41.46
CA VAL B 52 -0.13 4.44 -41.08
C VAL B 52 -1.44 3.80 -41.51
N THR B 53 -1.46 3.23 -42.72
CA THR B 53 -2.68 2.58 -43.21
C THR B 53 -3.06 1.39 -42.34
N LEU B 54 -2.09 0.59 -41.92
CA LEU B 54 -2.38 -0.57 -41.10
C LEU B 54 -2.93 -0.17 -39.74
N LEU B 55 -2.36 0.86 -39.13
CA LEU B 55 -2.75 1.25 -37.77
C LEU B 55 -4.11 1.91 -37.73
N ASN B 56 -4.64 2.36 -38.88
CA ASN B 56 -5.95 2.99 -38.95
C ASN B 56 -6.97 2.10 -39.64
N ARG B 57 -6.73 0.80 -39.64
CA ARG B 57 -7.66 -0.15 -40.25
C ARG B 57 -8.98 -0.14 -39.50
N PRO B 58 -10.11 -0.11 -40.20
CA PRO B 58 -11.41 -0.10 -39.50
C PRO B 58 -11.57 -1.36 -38.65
N THR B 59 -12.16 -1.18 -37.47
CA THR B 59 -12.34 -2.27 -36.52
C THR B 59 -13.68 -2.11 -35.81
N ASP B 60 -14.17 -3.22 -35.27
CA ASP B 60 -15.43 -3.22 -34.54
C ASP B 60 -15.26 -2.53 -33.19
N PRO B 61 -16.15 -1.60 -32.84
CA PRO B 61 -16.04 -0.89 -31.56
C PRO B 61 -16.78 -1.53 -30.39
N ALA B 62 -17.31 -2.75 -30.56
CA ALA B 62 -18.12 -3.34 -29.49
C ALA B 62 -17.30 -3.59 -28.23
N SER B 63 -16.07 -4.09 -28.40
CA SER B 63 -15.25 -4.43 -27.23
C SER B 63 -14.72 -3.18 -26.55
N LEU B 64 -14.34 -2.16 -27.33
CA LEU B 64 -13.84 -0.92 -26.74
C LEU B 64 -14.90 -0.24 -25.89
N ALA B 65 -16.17 -0.40 -26.25
CA ALA B 65 -17.25 0.24 -25.51
C ALA B 65 -17.51 -0.46 -24.18
N VAL B 66 -17.46 -1.79 -24.17
CA VAL B 66 -17.72 -2.53 -22.94
C VAL B 66 -16.65 -2.22 -21.89
N PHE B 67 -15.38 -2.19 -22.31
CA PHE B 67 -14.32 -1.82 -21.38
C PHE B 67 -14.49 -0.38 -20.91
N ARG B 68 -14.90 0.52 -21.80
CA ARG B 68 -15.12 1.90 -21.42
C ARG B 68 -16.18 2.02 -20.33
N PHE B 69 -17.27 1.27 -20.47
CA PHE B 69 -18.32 1.30 -19.46
C PHE B 69 -17.83 0.73 -18.14
N LEU B 70 -17.08 -0.38 -18.18
CA LEU B 70 -16.64 -1.02 -16.95
C LEU B 70 -15.61 -0.17 -16.22
N PHE B 71 -14.69 0.45 -16.95
CA PHE B 71 -13.68 1.29 -16.31
C PHE B 71 -14.31 2.48 -15.61
N GLY B 72 -15.29 3.12 -16.25
CA GLY B 72 -15.94 4.26 -15.62
C GLY B 72 -16.75 3.87 -14.40
N PHE B 73 -17.41 2.71 -14.45
CA PHE B 73 -18.19 2.24 -13.31
C PHE B 73 -17.30 1.99 -12.10
N LEU B 74 -16.14 1.37 -12.32
CA LEU B 74 -15.24 1.08 -11.20
C LEU B 74 -14.57 2.35 -10.68
N MET B 75 -14.33 3.34 -11.56
CA MET B 75 -13.78 4.61 -11.12
C MET B 75 -14.77 5.34 -10.21
N VAL B 76 -16.06 5.24 -10.51
CA VAL B 76 -17.06 5.87 -9.66
C VAL B 76 -17.06 5.24 -8.28
N LEU B 77 -16.97 3.92 -8.21
CA LEU B 77 -16.95 3.23 -6.93
C LEU B 77 -15.69 3.57 -6.13
N ASP B 78 -14.55 3.73 -6.82
CA ASP B 78 -13.28 3.92 -6.13
C ASP B 78 -13.16 5.32 -5.52
N ILE B 79 -13.79 6.32 -6.14
CA ILE B 79 -13.63 7.69 -5.66
C ILE B 79 -14.03 7.85 -4.20
N PRO B 80 -15.18 7.34 -3.75
CA PRO B 80 -15.57 7.51 -2.34
C PRO B 80 -14.83 6.59 -1.38
N GLN B 81 -14.05 5.62 -1.86
CA GLN B 81 -13.47 4.59 -1.01
C GLN B 81 -11.97 4.75 -0.82
N GLU B 82 -11.19 4.74 -1.91
CA GLU B 82 -9.74 4.80 -1.80
C GLU B 82 -9.16 6.13 -2.24
N ARG B 83 -9.81 6.85 -3.16
CA ARG B 83 -9.31 8.15 -3.57
C ARG B 83 -9.31 9.15 -2.42
N GLY B 84 -10.14 8.93 -1.41
CA GLY B 84 -10.13 9.75 -0.22
C GLY B 84 -11.24 10.78 -0.09
N LEU B 85 -12.42 10.51 -0.65
CA LEU B 85 -13.51 11.47 -0.57
C LEU B 85 -14.19 11.46 0.79
N SER B 86 -14.23 10.33 1.47
CA SER B 86 -14.93 10.22 2.75
C SER B 86 -14.10 10.70 3.92
N SER B 87 -12.83 11.05 3.71
CA SER B 87 -11.97 11.56 4.77
C SER B 87 -11.36 12.91 4.40
N LEU B 88 -11.98 13.64 3.48
CA LEU B 88 -11.41 14.91 3.02
C LEU B 88 -11.33 15.92 4.16
N ASP B 89 -12.37 15.99 4.99
CA ASP B 89 -12.38 16.97 6.07
C ASP B 89 -11.29 16.68 7.09
N ARG B 90 -10.96 15.41 7.33
CA ARG B 90 -9.90 15.08 8.27
C ARG B 90 -8.52 15.35 7.67
N LYS B 91 -8.33 15.02 6.40
CA LYS B 91 -7.00 15.12 5.80
C LYS B 91 -6.60 16.59 5.57
N TYR B 92 -7.53 17.39 5.04
CA TYR B 92 -7.23 18.77 4.65
C TYR B 92 -7.91 19.78 5.57
N LEU B 93 -7.94 19.47 6.87
CA LEU B 93 -8.54 20.38 7.83
C LEU B 93 -7.87 21.74 7.77
N ASP B 94 -8.68 22.80 7.74
CA ASP B 94 -8.14 24.15 7.66
C ASP B 94 -7.50 24.55 8.99
N GLY B 95 -6.43 25.33 8.90
CA GLY B 95 -5.72 25.79 10.08
C GLY B 95 -5.11 24.65 10.89
N LEU B 96 -4.43 23.73 10.21
CA LEU B 96 -3.80 22.59 10.86
C LEU B 96 -2.32 22.54 10.49
N ASP B 97 -1.50 22.12 11.45
CA ASP B 97 -0.07 21.99 11.24
C ASP B 97 0.23 20.58 10.75
N VAL B 98 0.60 20.45 9.49
CA VAL B 98 0.89 19.16 8.87
C VAL B 98 2.10 19.30 7.97
N CYS B 99 2.92 18.27 7.91
CA CYS B 99 4.03 18.18 6.97
C CYS B 99 3.58 17.31 5.79
N ARG B 100 3.65 17.87 4.59
CA ARG B 100 3.18 17.20 3.38
C ARG B 100 4.35 16.91 2.45
N PHE B 101 4.12 15.97 1.54
CA PHE B 101 5.17 15.44 0.66
C PHE B 101 4.70 15.48 -0.79
N PRO B 102 4.61 16.68 -1.38
CA PRO B 102 4.32 16.77 -2.81
C PRO B 102 5.55 16.49 -3.66
N LEU B 103 5.29 16.08 -4.90
CA LEU B 103 6.40 15.85 -5.82
C LEU B 103 7.15 17.16 -6.10
N LEU B 104 6.42 18.25 -6.30
CA LEU B 104 7.00 19.57 -6.44
C LEU B 104 6.70 20.37 -5.17
N ASP B 105 7.73 20.99 -4.61
CA ASP B 105 7.56 21.72 -3.34
C ASP B 105 6.62 22.91 -3.49
N ALA B 106 6.40 23.39 -4.71
CA ALA B 106 5.53 24.54 -4.94
C ALA B 106 4.06 24.17 -5.10
N LEU B 107 3.74 22.87 -5.17
CA LEU B 107 2.36 22.44 -5.32
C LEU B 107 1.70 22.40 -3.94
N ARG B 108 0.61 23.15 -3.80
CA ARG B 108 -0.09 23.27 -2.54
C ARG B 108 -1.57 22.97 -2.72
N PRO B 109 -2.24 22.46 -1.69
CA PRO B 109 -3.67 22.20 -1.78
C PRO B 109 -4.50 23.47 -1.61
N LEU B 110 -5.76 23.36 -1.98
CA LEU B 110 -6.71 24.46 -1.85
C LEU B 110 -7.45 24.35 -0.53
N PRO B 111 -8.20 25.39 -0.15
CA PRO B 111 -9.04 25.29 1.05
C PRO B 111 -9.98 24.09 1.00
N LEU B 112 -10.59 23.75 2.13
CA LEU B 112 -11.40 22.55 2.20
C LEU B 112 -12.59 22.62 1.25
N ASP B 113 -13.25 23.78 1.18
CA ASP B 113 -14.42 23.90 0.31
C ASP B 113 -14.04 23.71 -1.16
N TRP B 114 -12.90 24.27 -1.58
CA TRP B 114 -12.48 24.14 -2.96
C TRP B 114 -11.94 22.74 -3.26
N MET B 115 -11.45 22.03 -2.25
CA MET B 115 -11.04 20.65 -2.46
C MET B 115 -12.24 19.75 -2.72
N TYR B 116 -13.38 20.06 -2.10
CA TYR B 116 -14.60 19.29 -2.36
C TYR B 116 -15.10 19.53 -3.77
N LEU B 117 -14.89 20.74 -4.30
CA LEU B 117 -15.27 21.02 -5.68
C LEU B 117 -14.41 20.22 -6.66
N VAL B 118 -13.13 20.05 -6.35
CA VAL B 118 -12.24 19.28 -7.23
C VAL B 118 -12.73 17.84 -7.34
N TYR B 119 -13.10 17.24 -6.21
CA TYR B 119 -13.58 15.86 -6.24
C TYR B 119 -14.93 15.76 -6.93
N THR B 120 -15.76 16.81 -6.82
CA THR B 120 -17.05 16.80 -7.51
C THR B 120 -16.87 16.77 -9.02
N ILE B 121 -15.90 17.54 -9.53
CA ILE B 121 -15.64 17.54 -10.97
C ILE B 121 -15.07 16.19 -11.40
N MET B 122 -14.20 15.61 -10.59
CA MET B 122 -13.66 14.28 -10.91
C MET B 122 -14.76 13.24 -10.97
N PHE B 123 -15.70 13.28 -10.03
CA PHE B 123 -16.80 12.31 -10.02
C PHE B 123 -17.67 12.46 -11.26
N LEU B 124 -17.96 13.70 -11.66
CA LEU B 124 -18.78 13.92 -12.84
C LEU B 124 -18.08 13.41 -14.10
N GLY B 125 -16.76 13.62 -14.19
CA GLY B 125 -16.03 13.14 -15.36
C GLY B 125 -16.06 11.63 -15.49
N ALA B 126 -15.89 10.92 -14.38
CA ALA B 126 -15.98 9.46 -14.42
C ALA B 126 -17.38 9.00 -14.82
N LEU B 127 -18.41 9.69 -14.34
CA LEU B 127 -19.77 9.33 -14.71
C LEU B 127 -20.01 9.52 -16.20
N GLY B 128 -19.50 10.61 -16.77
CA GLY B 128 -19.64 10.83 -18.19
C GLY B 128 -18.91 9.79 -19.02
N MET B 129 -17.74 9.37 -18.56
CA MET B 129 -17.00 8.33 -19.26
C MET B 129 -17.77 7.02 -19.29
N MET B 130 -18.38 6.64 -18.16
CA MET B 130 -19.11 5.38 -18.10
C MET B 130 -20.33 5.41 -19.02
N LEU B 131 -20.98 6.57 -19.15
CA LEU B 131 -22.19 6.67 -19.95
C LEU B 131 -21.90 7.00 -21.41
N GLY B 132 -20.73 7.56 -21.70
CA GLY B 132 -20.44 8.00 -23.05
C GLY B 132 -21.07 9.31 -23.44
N LEU B 133 -21.46 10.14 -22.46
CA LEU B 133 -22.08 11.43 -22.71
C LEU B 133 -21.01 12.51 -22.69
N CYS B 134 -20.88 13.25 -23.78
CA CYS B 134 -19.82 14.22 -23.94
C CYS B 134 -18.47 13.58 -23.60
N TYR B 135 -18.12 12.59 -24.40
CA TYR B 135 -17.03 11.69 -24.06
C TYR B 135 -15.72 12.44 -23.83
N ARG B 136 -15.34 13.31 -24.76
CA ARG B 136 -14.04 13.95 -24.66
C ARG B 136 -13.98 14.94 -23.51
N ILE B 137 -15.04 15.71 -23.29
CA ILE B 137 -15.07 16.63 -22.16
C ILE B 137 -15.04 15.87 -20.84
N SER B 138 -15.81 14.78 -20.76
CA SER B 138 -15.84 13.99 -19.53
C SER B 138 -14.47 13.38 -19.24
N CYS B 139 -13.77 12.94 -20.27
CA CYS B 139 -12.44 12.36 -20.07
C CYS B 139 -11.48 13.40 -19.47
N VAL B 140 -11.54 14.63 -19.96
CA VAL B 140 -10.68 15.69 -19.42
C VAL B 140 -11.09 16.05 -18.00
N LEU B 141 -12.39 16.04 -17.71
CA LEU B 141 -12.86 16.38 -16.38
C LEU B 141 -12.36 15.39 -15.34
N PHE B 142 -12.24 14.11 -15.71
CA PHE B 142 -11.66 13.14 -14.80
C PHE B 142 -10.14 13.26 -14.74
N LEU B 143 -9.51 13.52 -15.89
CA LEU B 143 -8.05 13.42 -15.98
C LEU B 143 -7.36 14.52 -15.18
N LEU B 144 -7.78 15.78 -15.38
CA LEU B 144 -7.09 16.90 -14.73
C LEU B 144 -7.17 16.83 -13.21
N PRO B 145 -8.35 16.69 -12.61
CA PRO B 145 -8.41 16.57 -11.14
C PRO B 145 -7.68 15.35 -10.61
N TYR B 146 -7.68 14.24 -11.36
CA TYR B 146 -7.07 13.02 -10.87
C TYR B 146 -5.55 13.17 -10.71
N TRP B 147 -4.89 13.71 -11.73
CA TRP B 147 -3.44 13.85 -11.66
C TRP B 147 -3.02 14.92 -10.66
N TYR B 148 -3.83 15.96 -10.48
CA TYR B 148 -3.51 16.97 -9.49
C TYR B 148 -3.48 16.38 -8.08
N VAL B 149 -4.46 15.53 -7.77
CA VAL B 149 -4.49 14.88 -6.46
C VAL B 149 -3.35 13.88 -6.35
N PHE B 150 -3.04 13.18 -7.44
CA PHE B 150 -1.96 12.19 -7.42
C PHE B 150 -0.62 12.83 -7.10
N LEU B 151 -0.34 13.98 -7.73
CA LEU B 151 0.96 14.64 -7.52
C LEU B 151 1.03 15.39 -6.20
N LEU B 152 -0.10 15.55 -5.50
CA LEU B 152 -0.10 16.30 -4.25
C LEU B 152 0.58 15.53 -3.13
N ASP B 153 0.55 14.20 -3.18
CA ASP B 153 1.02 13.36 -2.07
C ASP B 153 1.81 12.20 -2.63
N LYS B 154 3.14 12.23 -2.45
CA LYS B 154 3.99 11.13 -2.88
C LYS B 154 3.75 9.87 -2.07
N THR B 155 3.19 9.99 -0.87
CA THR B 155 2.98 8.84 0.00
C THR B 155 1.74 8.03 -0.35
N SER B 156 0.93 8.49 -1.29
CA SER B 156 -0.25 7.78 -1.73
C SER B 156 -0.06 7.07 -3.06
N TRP B 157 1.16 7.02 -3.57
CA TRP B 157 1.43 6.40 -4.87
C TRP B 157 1.53 4.89 -4.73
N ASN B 158 0.85 4.17 -5.62
CA ASN B 158 0.99 2.73 -5.75
C ASN B 158 0.80 2.37 -7.21
N ASN B 159 0.95 1.07 -7.51
CA ASN B 159 0.99 0.64 -8.91
C ASN B 159 -0.39 0.75 -9.56
N HIS B 160 -1.45 0.39 -8.83
CA HIS B 160 -2.78 0.43 -9.46
C HIS B 160 -3.32 1.85 -9.59
N SER B 161 -2.97 2.74 -8.66
CA SER B 161 -3.37 4.15 -8.82
C SER B 161 -2.64 4.79 -10.00
N TYR B 162 -1.38 4.42 -10.21
CA TYR B 162 -0.65 4.90 -11.38
C TYR B 162 -1.28 4.39 -12.67
N LEU B 163 -1.81 3.17 -12.64
CA LEU B 163 -2.43 2.60 -13.84
C LEU B 163 -3.71 3.32 -14.21
N TYR B 164 -4.48 3.76 -13.20
CA TYR B 164 -5.73 4.47 -13.48
C TYR B 164 -5.47 5.76 -14.25
N GLY B 165 -4.44 6.50 -13.86
CA GLY B 165 -4.09 7.71 -14.58
C GLY B 165 -3.65 7.43 -16.01
N LEU B 166 -2.96 6.31 -16.22
CA LEU B 166 -2.54 5.94 -17.56
C LEU B 166 -3.73 5.57 -18.43
N LEU B 167 -4.67 4.79 -17.88
CA LEU B 167 -5.82 4.35 -18.66
C LEU B 167 -6.70 5.53 -19.08
N ALA B 168 -6.91 6.48 -18.15
CA ALA B 168 -7.70 7.66 -18.49
C ALA B 168 -7.02 8.50 -19.56
N PHE B 169 -5.69 8.61 -19.48
CA PHE B 169 -4.96 9.40 -20.48
C PHE B 169 -5.11 8.79 -21.87
N GLN B 170 -5.02 7.48 -21.98
CA GLN B 170 -5.15 6.82 -23.28
C GLN B 170 -6.53 7.02 -23.88
N LEU B 171 -7.57 6.81 -23.06
CA LEU B 171 -8.94 6.85 -23.56
C LEU B 171 -9.34 8.24 -24.02
N THR B 172 -8.64 9.29 -23.58
CA THR B 172 -8.98 10.64 -24.01
C THR B 172 -8.86 10.80 -25.53
N PHE B 173 -7.96 10.04 -26.15
CA PHE B 173 -7.72 10.13 -27.58
C PHE B 173 -8.40 9.03 -28.37
N MET B 174 -9.11 8.12 -27.71
CA MET B 174 -9.74 6.98 -28.35
C MET B 174 -11.21 7.25 -28.65
N ASP B 175 -11.74 6.51 -29.62
CA ASP B 175 -13.15 6.62 -30.02
C ASP B 175 -13.98 5.57 -29.30
N ALA B 176 -13.97 5.63 -27.97
CA ALA B 176 -14.63 4.63 -27.14
C ALA B 176 -16.14 4.82 -27.07
N ASN B 177 -16.67 5.91 -27.60
CA ASN B 177 -18.10 6.21 -27.56
C ASN B 177 -18.79 5.96 -28.91
N HIS B 178 -18.41 4.89 -29.60
CA HIS B 178 -18.92 4.62 -30.94
C HIS B 178 -19.94 3.50 -30.99
N TYR B 179 -20.12 2.72 -29.92
CA TYR B 179 -21.04 1.59 -29.95
C TYR B 179 -22.20 1.75 -28.97
N TRP B 180 -21.92 1.90 -27.67
CA TRP B 180 -22.93 1.79 -26.62
C TRP B 180 -22.80 3.00 -25.72
N SER B 181 -23.42 4.11 -26.11
CA SER B 181 -23.22 5.37 -25.41
C SER B 181 -24.38 6.30 -25.70
N VAL B 182 -24.51 7.32 -24.85
CA VAL B 182 -25.52 8.36 -25.06
C VAL B 182 -25.20 9.18 -26.30
N ASP B 183 -23.91 9.40 -26.57
CA ASP B 183 -23.52 10.20 -27.72
C ASP B 183 -24.04 9.61 -29.03
N GLY B 184 -24.23 8.29 -29.06
CA GLY B 184 -24.78 7.67 -30.26
C GLY B 184 -26.20 8.15 -30.56
N LEU B 185 -27.00 8.36 -29.51
CA LEU B 185 -28.35 8.85 -29.71
C LEU B 185 -28.36 10.34 -30.05
N LEU B 186 -27.39 11.10 -29.55
CA LEU B 186 -27.33 12.53 -29.81
C LEU B 186 -26.82 12.82 -31.21
N ASN B 187 -25.88 12.02 -31.71
CA ASN B 187 -25.27 12.21 -33.01
C ASN B 187 -25.42 10.94 -33.84
N ALA B 188 -25.87 11.10 -35.08
CA ALA B 188 -26.08 9.94 -35.95
C ALA B 188 -24.78 9.36 -36.47
N HIS B 189 -23.73 10.18 -36.58
CA HIS B 189 -22.46 9.72 -37.13
C HIS B 189 -21.61 8.97 -36.12
N ARG B 190 -22.02 8.89 -34.86
CA ARG B 190 -21.28 8.20 -33.83
C ARG B 190 -22.01 6.97 -33.29
N ARG B 191 -22.99 6.46 -34.05
CA ARG B 191 -23.79 5.31 -33.63
C ARG B 191 -23.36 4.11 -34.47
N ASN B 192 -22.72 3.13 -33.81
CA ASN B 192 -22.29 1.90 -34.46
C ASN B 192 -21.36 2.19 -35.64
N ALA B 193 -20.20 2.77 -35.31
CA ALA B 193 -19.22 3.17 -36.30
C ALA B 193 -17.88 2.51 -36.02
N HIS B 194 -17.07 2.40 -37.08
CA HIS B 194 -15.76 1.78 -36.97
C HIS B 194 -14.82 2.64 -36.14
N VAL B 195 -13.80 1.99 -35.57
CA VAL B 195 -12.76 2.67 -34.81
C VAL B 195 -11.40 2.25 -35.35
N PRO B 196 -10.37 3.10 -35.23
CA PRO B 196 -9.04 2.71 -35.71
C PRO B 196 -8.48 1.53 -34.93
N LEU B 197 -7.65 0.74 -35.61
CA LEU B 197 -7.08 -0.44 -34.96
C LEU B 197 -6.11 -0.08 -33.85
N TRP B 198 -5.44 1.07 -33.94
CA TRP B 198 -4.47 1.43 -32.91
C TRP B 198 -5.12 1.70 -31.56
N ASN B 199 -6.44 1.85 -31.51
CA ASN B 199 -7.13 1.94 -30.24
C ASN B 199 -6.98 0.66 -29.44
N TYR B 200 -7.11 -0.50 -30.11
CA TYR B 200 -6.94 -1.78 -29.44
C TYR B 200 -5.46 -2.08 -29.19
N ALA B 201 -4.60 -1.69 -30.12
CA ALA B 201 -3.18 -1.99 -29.98
C ALA B 201 -2.58 -1.32 -28.76
N VAL B 202 -2.92 -0.06 -28.53
CA VAL B 202 -2.37 0.66 -27.37
C VAL B 202 -2.87 0.06 -26.07
N LEU B 203 -4.16 -0.23 -25.99
CA LEU B 203 -4.71 -0.83 -24.76
C LEU B 203 -4.11 -2.20 -24.51
N ARG B 204 -3.99 -3.03 -25.54
CA ARG B 204 -3.43 -4.36 -25.37
C ARG B 204 -1.95 -4.29 -25.01
N GLY B 205 -1.21 -3.35 -25.61
CA GLY B 205 0.19 -3.19 -25.27
C GLY B 205 0.39 -2.78 -23.82
N GLN B 206 -0.48 -1.90 -23.32
CA GLN B 206 -0.36 -1.45 -21.94
C GLN B 206 -0.58 -2.59 -20.96
N ILE B 207 -1.57 -3.44 -21.23
CA ILE B 207 -1.87 -4.55 -20.32
C ILE B 207 -0.73 -5.58 -20.35
N PHE B 208 -0.15 -5.81 -21.52
CA PHE B 208 0.98 -6.73 -21.62
C PHE B 208 2.18 -6.22 -20.83
N ILE B 209 2.42 -4.91 -20.88
CA ILE B 209 3.56 -4.33 -20.16
C ILE B 209 3.42 -4.55 -18.66
N VAL B 210 2.19 -4.43 -18.15
CA VAL B 210 1.95 -4.64 -16.72
C VAL B 210 2.31 -6.06 -16.32
N TYR B 211 1.91 -7.03 -17.14
CA TYR B 211 2.19 -8.43 -16.85
C TYR B 211 3.68 -8.73 -16.96
N PHE B 212 4.31 -8.31 -18.07
CA PHE B 212 5.68 -8.74 -18.35
C PHE B 212 6.68 -8.06 -17.43
N ILE B 213 6.56 -6.76 -17.22
CA ILE B 213 7.51 -6.04 -16.37
C ILE B 213 7.43 -6.56 -14.93
N ALA B 214 6.22 -6.91 -14.48
CA ALA B 214 6.07 -7.49 -13.15
C ALA B 214 6.80 -8.83 -13.05
N GLY B 215 6.70 -9.65 -14.10
CA GLY B 215 7.38 -10.94 -14.09
C GLY B 215 8.89 -10.80 -14.04
N VAL B 216 9.44 -9.83 -14.79
CA VAL B 216 10.88 -9.61 -14.76
C VAL B 216 11.32 -9.14 -13.37
N ALA B 217 10.56 -8.23 -12.75
CA ALA B 217 10.90 -7.76 -11.42
C ALA B 217 10.85 -8.90 -10.41
N ALA B 218 10.01 -9.89 -10.63
CA ALA B 218 9.91 -11.05 -9.76
C ALA B 218 11.05 -12.03 -9.94
N LEU B 219 12.07 -11.66 -10.72
CA LEU B 219 13.26 -12.48 -10.88
C LEU B 219 14.31 -12.19 -9.82
N ASP B 220 14.00 -11.34 -8.86
CA ASP B 220 14.92 -11.04 -7.77
C ASP B 220 15.17 -12.29 -6.94
N ALA B 221 16.34 -12.33 -6.30
CA ALA B 221 16.73 -13.52 -5.54
C ALA B 221 15.77 -13.78 -4.39
N ASP B 222 15.28 -12.71 -3.75
CA ASP B 222 14.36 -12.89 -2.62
C ASP B 222 13.07 -13.56 -3.06
N TRP B 223 12.54 -13.17 -4.22
CA TRP B 223 11.29 -13.76 -4.70
C TRP B 223 11.50 -15.21 -5.10
N VAL B 224 12.58 -15.50 -5.84
CA VAL B 224 12.80 -16.86 -6.33
C VAL B 224 13.03 -17.81 -5.16
N GLU B 225 13.75 -17.37 -4.13
CA GLU B 225 14.02 -18.21 -2.97
C GLU B 225 12.83 -18.29 -2.02
N GLY B 226 11.78 -17.50 -2.24
CA GLY B 226 10.59 -17.59 -1.42
C GLY B 226 10.64 -16.84 -0.11
N TYR B 227 11.40 -15.74 -0.04
CA TYR B 227 11.46 -14.96 1.19
C TYR B 227 10.32 -13.97 1.33
N SER B 228 9.98 -13.28 0.25
CA SER B 228 8.84 -12.36 0.27
C SER B 228 7.54 -13.16 0.30
N MET B 229 6.62 -12.74 1.17
CA MET B 229 5.33 -13.41 1.31
C MET B 229 5.49 -14.89 1.62
N GLU B 230 6.39 -15.18 2.56
CA GLU B 230 6.63 -16.57 2.96
C GLU B 230 5.51 -17.15 3.82
N TYR B 231 4.62 -16.30 4.34
CA TYR B 231 3.51 -16.74 5.18
C TYR B 231 2.17 -16.64 4.47
N LEU B 232 2.16 -16.36 3.17
CA LEU B 232 0.90 -16.18 2.45
C LEU B 232 0.18 -17.49 2.17
N SER B 233 0.84 -18.63 2.36
CA SER B 233 0.23 -19.93 2.07
C SER B 233 -0.63 -20.44 3.22
N ARG B 234 -0.70 -19.73 4.34
CA ARG B 234 -1.53 -20.15 5.46
C ARG B 234 -2.99 -19.79 5.28
N HIS B 235 -3.34 -18.99 4.28
CA HIS B 235 -4.72 -18.62 4.04
C HIS B 235 -5.55 -19.86 3.73
N TRP B 236 -6.82 -19.83 4.17
CA TRP B 236 -7.71 -20.97 3.92
C TRP B 236 -7.99 -21.17 2.44
N LEU B 237 -7.73 -20.15 1.61
CA LEU B 237 -7.95 -20.29 0.17
C LEU B 237 -7.00 -21.29 -0.46
N PHE B 238 -5.90 -21.63 0.21
CA PHE B 238 -4.94 -22.60 -0.29
C PHE B 238 -5.19 -24.00 0.25
N SER B 239 -6.39 -24.27 0.76
CA SER B 239 -6.67 -25.58 1.35
C SER B 239 -6.51 -26.72 0.37
N PRO B 240 -7.03 -26.65 -0.86
CA PRO B 240 -6.89 -27.79 -1.78
C PRO B 240 -5.45 -28.17 -2.06
N PHE B 241 -4.54 -27.18 -2.15
CA PHE B 241 -3.15 -27.49 -2.45
C PHE B 241 -2.50 -28.29 -1.34
N LYS B 242 -2.83 -27.99 -0.08
CA LYS B 242 -2.22 -28.67 1.05
C LYS B 242 -2.58 -30.14 1.12
N LEU B 243 -3.59 -30.59 0.37
CA LEU B 243 -3.95 -32.00 0.35
C LEU B 243 -2.91 -32.86 -0.36
N LEU B 244 -1.98 -32.25 -1.10
CA LEU B 244 -0.95 -33.00 -1.79
C LEU B 244 0.42 -32.36 -1.65
N LEU B 245 0.56 -31.32 -0.84
CA LEU B 245 1.84 -30.64 -0.65
C LEU B 245 1.96 -30.20 0.80
N SER B 246 3.20 -30.01 1.24
CA SER B 246 3.45 -29.50 2.57
C SER B 246 3.36 -27.97 2.58
N GLU B 247 3.34 -27.41 3.79
CA GLU B 247 3.24 -25.96 3.92
C GLU B 247 4.42 -25.26 3.27
N GLU B 248 5.64 -25.76 3.51
CA GLU B 248 6.83 -25.17 2.90
C GLU B 248 6.80 -25.33 1.39
N LEU B 249 6.41 -26.51 0.91
CA LEU B 249 6.39 -26.77 -0.53
C LEU B 249 5.32 -25.92 -1.22
N THR B 250 4.15 -25.79 -0.61
CA THR B 250 3.08 -25.02 -1.22
C THR B 250 3.48 -23.55 -1.38
N SER B 251 4.12 -22.99 -0.36
CA SER B 251 4.52 -21.59 -0.44
C SER B 251 5.57 -21.37 -1.53
N LEU B 252 6.54 -22.27 -1.64
CA LEU B 252 7.63 -22.07 -2.58
C LEU B 252 7.17 -22.27 -4.03
N LEU B 253 6.41 -23.32 -4.28
CA LEU B 253 6.05 -23.68 -5.66
C LEU B 253 4.86 -22.87 -6.16
N VAL B 254 3.76 -22.91 -5.42
CA VAL B 254 2.50 -22.30 -5.87
C VAL B 254 2.58 -20.79 -5.81
N VAL B 255 2.84 -20.24 -4.63
CA VAL B 255 2.76 -18.80 -4.41
C VAL B 255 3.83 -18.06 -5.20
N HIS B 256 5.08 -18.53 -5.11
CA HIS B 256 6.20 -17.76 -5.67
C HIS B 256 6.45 -18.13 -7.12
N TRP B 257 6.73 -19.41 -7.39
CA TRP B 257 7.00 -19.82 -8.77
C TRP B 257 5.73 -19.76 -9.62
N GLY B 258 4.58 -20.06 -9.02
CA GLY B 258 3.33 -19.94 -9.76
C GLY B 258 3.04 -18.52 -10.20
N GLY B 259 3.23 -17.55 -9.30
CA GLY B 259 3.01 -16.16 -9.67
C GLY B 259 4.00 -15.68 -10.72
N LEU B 260 5.25 -16.10 -10.60
CA LEU B 260 6.27 -15.70 -11.58
C LEU B 260 5.93 -16.22 -12.96
N LEU B 261 5.48 -17.47 -13.05
CA LEU B 261 5.14 -18.05 -14.36
C LEU B 261 3.98 -17.32 -15.00
N LEU B 262 2.95 -16.97 -14.23
CA LEU B 262 1.79 -16.30 -14.79
C LEU B 262 2.16 -14.93 -15.35
N ASP B 263 2.99 -14.19 -14.62
CA ASP B 263 3.38 -12.85 -15.10
C ASP B 263 4.14 -12.92 -16.41
N LEU B 264 5.07 -13.88 -16.53
CA LEU B 264 5.93 -13.95 -17.71
C LEU B 264 5.22 -14.54 -18.92
N SER B 265 4.09 -15.22 -18.74
CA SER B 265 3.40 -15.88 -19.84
C SER B 265 1.96 -15.44 -20.02
N ALA B 266 1.46 -14.52 -19.18
CA ALA B 266 0.07 -14.09 -19.31
C ALA B 266 -0.17 -13.37 -20.63
N GLY B 267 0.76 -12.49 -21.02
CA GLY B 267 0.56 -11.73 -22.25
C GLY B 267 0.55 -12.60 -23.49
N PHE B 268 1.48 -13.56 -23.55
CA PHE B 268 1.56 -14.43 -24.73
C PHE B 268 0.36 -15.36 -24.81
N LEU B 269 -0.12 -15.86 -23.68
CA LEU B 269 -1.25 -16.78 -23.69
C LEU B 269 -2.51 -16.10 -24.22
N LEU B 270 -2.75 -14.85 -23.83
CA LEU B 270 -3.98 -14.17 -24.23
C LEU B 270 -3.93 -13.75 -25.69
N PHE B 271 -2.74 -13.37 -26.19
CA PHE B 271 -2.64 -12.85 -27.54
C PHE B 271 -3.04 -13.89 -28.57
N PHE B 272 -2.46 -15.09 -28.49
CA PHE B 272 -2.73 -16.14 -29.46
C PHE B 272 -4.07 -16.82 -29.15
N ASP B 273 -4.87 -17.02 -30.18
CA ASP B 273 -6.21 -17.56 -30.01
C ASP B 273 -6.24 -19.07 -29.82
N VAL B 274 -5.11 -19.76 -30.07
CA VAL B 274 -5.04 -21.19 -29.79
C VAL B 274 -4.84 -21.48 -28.30
N SER B 275 -4.46 -20.47 -27.52
CA SER B 275 -4.25 -20.63 -26.08
C SER B 275 -5.00 -19.58 -25.27
N ARG B 276 -5.90 -18.82 -25.92
CA ARG B 276 -6.63 -17.78 -25.21
C ARG B 276 -7.59 -18.36 -24.19
N SER B 277 -8.27 -19.46 -24.51
CA SER B 277 -9.21 -20.05 -23.57
C SER B 277 -8.53 -20.49 -22.29
N ILE B 278 -7.35 -21.12 -22.42
CA ILE B 278 -6.58 -21.52 -21.25
C ILE B 278 -6.12 -20.28 -20.48
N GLY B 279 -5.64 -19.26 -21.20
CA GLY B 279 -5.17 -18.06 -20.54
C GLY B 279 -6.26 -17.34 -19.79
N LEU B 280 -7.47 -17.30 -20.35
CA LEU B 280 -8.59 -16.61 -19.70
C LEU B 280 -8.92 -17.26 -18.37
N PHE B 281 -8.93 -18.59 -18.32
CA PHE B 281 -9.24 -19.29 -17.09
C PHE B 281 -8.17 -19.06 -16.04
N PHE B 282 -6.90 -19.08 -16.46
CA PHE B 282 -5.79 -18.93 -15.50
C PHE B 282 -5.72 -17.52 -14.94
N VAL B 283 -5.88 -16.50 -15.78
CA VAL B 283 -5.83 -15.13 -15.30
C VAL B 283 -7.04 -14.82 -14.43
N SER B 284 -8.21 -15.34 -14.80
CA SER B 284 -9.41 -15.11 -14.01
C SER B 284 -9.26 -15.68 -12.59
N TYR B 285 -8.72 -16.90 -12.49
CA TYR B 285 -8.45 -17.47 -11.18
C TYR B 285 -7.39 -16.68 -10.44
N PHE B 286 -6.35 -16.24 -11.16
CA PHE B 286 -5.27 -15.48 -10.53
C PHE B 286 -5.80 -14.18 -9.92
N HIS B 287 -6.65 -13.47 -10.65
CA HIS B 287 -7.13 -12.18 -10.16
C HIS B 287 -8.20 -12.35 -9.08
N CYS B 288 -9.03 -13.40 -9.19
CA CYS B 288 -10.06 -13.63 -8.18
C CYS B 288 -9.44 -13.92 -6.82
N MET B 289 -8.37 -14.72 -6.80
CA MET B 289 -7.69 -15.01 -5.53
C MET B 289 -7.07 -13.74 -4.95
N ASN B 290 -6.44 -12.92 -5.78
CA ASN B 290 -5.76 -11.72 -5.29
C ASN B 290 -6.74 -10.76 -4.65
N SER B 291 -8.00 -10.74 -5.11
CA SER B 291 -8.99 -9.83 -4.55
C SER B 291 -9.29 -10.16 -3.10
N GLN B 292 -9.09 -11.41 -2.69
CA GLN B 292 -9.35 -11.83 -1.31
C GLN B 292 -8.10 -11.94 -0.47
N LEU B 293 -6.94 -12.17 -1.09
CA LEU B 293 -5.69 -12.30 -0.33
C LEU B 293 -5.17 -10.94 0.14
N PHE B 294 -5.36 -9.90 -0.65
CA PHE B 294 -4.87 -8.57 -0.33
C PHE B 294 -6.02 -7.57 -0.38
N SER B 295 -5.73 -6.33 0.02
CA SER B 295 -6.67 -5.22 -0.04
C SER B 295 -6.07 -4.18 -0.98
N ILE B 296 -6.47 -4.22 -2.25
CA ILE B 296 -5.89 -3.36 -3.26
C ILE B 296 -6.99 -2.61 -4.01
N GLY B 297 -8.15 -2.47 -3.38
CA GLY B 297 -9.23 -1.71 -3.95
C GLY B 297 -9.89 -2.36 -5.16
N MET B 298 -9.80 -1.70 -6.31
CA MET B 298 -10.41 -2.19 -7.55
C MET B 298 -9.38 -2.76 -8.51
N PHE B 299 -8.16 -3.05 -8.04
CA PHE B 299 -7.11 -3.52 -8.93
C PHE B 299 -7.48 -4.83 -9.59
N SER B 300 -7.99 -5.79 -8.82
CA SER B 300 -8.32 -7.09 -9.38
C SER B 300 -9.49 -6.99 -10.35
N TYR B 301 -10.45 -6.11 -10.07
CA TYR B 301 -11.63 -6.00 -10.93
C TYR B 301 -11.31 -5.27 -12.22
N VAL B 302 -10.38 -4.30 -12.17
CA VAL B 302 -9.97 -3.62 -13.39
C VAL B 302 -9.19 -4.56 -14.29
N MET B 303 -8.31 -5.38 -13.70
CA MET B 303 -7.54 -6.33 -14.48
C MET B 303 -8.44 -7.39 -15.11
N LEU B 304 -9.46 -7.83 -14.37
CA LEU B 304 -10.40 -8.80 -14.93
C LEU B 304 -11.13 -8.25 -16.14
N ALA B 305 -11.55 -6.98 -16.07
CA ALA B 305 -12.28 -6.38 -17.19
C ALA B 305 -11.40 -6.21 -18.41
N SER B 306 -10.10 -5.96 -18.21
CA SER B 306 -9.21 -5.73 -19.33
C SER B 306 -8.90 -7.01 -20.09
N SER B 307 -9.16 -8.16 -19.49
CA SER B 307 -8.85 -9.44 -20.14
C SER B 307 -9.57 -9.65 -21.46
N PRO B 308 -10.88 -9.42 -21.57
CA PRO B 308 -11.57 -9.64 -22.84
C PRO B 308 -11.11 -8.72 -23.97
N LEU B 309 -10.22 -7.77 -23.70
CA LEU B 309 -9.73 -6.89 -24.76
C LEU B 309 -8.90 -7.63 -25.78
N PHE B 310 -8.38 -8.81 -25.44
CA PHE B 310 -7.61 -9.63 -26.36
C PHE B 310 -8.47 -10.52 -27.23
N CYS B 311 -9.77 -10.61 -26.95
CA CYS B 311 -10.68 -11.45 -27.72
C CYS B 311 -11.06 -10.74 -29.02
N SER B 312 -11.98 -11.33 -29.77
CA SER B 312 -12.42 -10.71 -31.02
C SER B 312 -13.08 -9.37 -30.72
N PRO B 313 -12.77 -8.31 -31.47
CA PRO B 313 -13.37 -7.00 -31.17
C PRO B 313 -14.88 -6.96 -31.25
N GLU B 314 -15.53 -8.03 -31.73
CA GLU B 314 -16.97 -8.06 -31.88
C GLU B 314 -17.63 -9.11 -30.98
N TRP B 315 -16.92 -9.57 -29.95
CA TRP B 315 -17.52 -10.59 -29.07
C TRP B 315 -18.79 -10.09 -28.39
N PRO B 316 -18.88 -8.86 -27.87
CA PRO B 316 -20.14 -8.44 -27.24
C PRO B 316 -21.31 -8.46 -28.20
N ARG B 317 -21.08 -8.09 -29.46
CA ARG B 317 -22.17 -8.07 -30.44
C ARG B 317 -22.65 -9.48 -30.77
N LYS B 318 -21.73 -10.45 -30.81
CA LYS B 318 -22.13 -11.84 -31.03
C LYS B 318 -22.99 -12.35 -29.90
N LEU B 319 -22.63 -12.01 -28.65
CA LEU B 319 -23.41 -12.45 -27.51
C LEU B 319 -24.84 -11.94 -27.58
N VAL B 320 -25.01 -10.66 -27.95
CA VAL B 320 -26.35 -10.11 -28.07
C VAL B 320 -27.16 -10.84 -29.13
N SER B 321 -26.48 -11.38 -30.16
CA SER B 321 -27.19 -12.10 -31.21
C SER B 321 -27.90 -13.33 -30.68
N TYR B 322 -27.43 -13.88 -29.56
CA TYR B 322 -28.02 -15.08 -28.96
C TYR B 322 -29.06 -14.74 -27.90
N CYS B 323 -29.71 -13.58 -28.00
CA CYS B 323 -30.69 -13.17 -27.02
C CYS B 323 -32.09 -13.21 -27.59
N PRO B 324 -33.12 -13.37 -26.75
CA PRO B 324 -34.49 -13.38 -27.26
C PRO B 324 -34.84 -12.05 -27.93
N ARG B 325 -35.73 -12.15 -28.93
CA ARG B 325 -36.09 -10.96 -29.71
C ARG B 325 -36.64 -9.86 -28.81
N ARG B 326 -37.47 -10.23 -27.83
CA ARG B 326 -38.04 -9.22 -26.94
C ARG B 326 -36.96 -8.53 -26.13
N LEU B 327 -35.97 -9.29 -25.64
CA LEU B 327 -34.90 -8.70 -24.85
C LEU B 327 -33.98 -7.82 -25.69
N GLN B 328 -33.86 -8.11 -26.99
CA GLN B 328 -32.96 -7.34 -27.83
C GLN B 328 -33.35 -5.87 -27.89
N GLN B 329 -34.62 -5.55 -27.64
CA GLN B 329 -35.06 -4.16 -27.67
C GLN B 329 -34.47 -3.33 -26.54
N LEU B 330 -33.87 -3.97 -25.53
CA LEU B 330 -33.26 -3.28 -24.41
C LEU B 330 -31.73 -3.41 -24.41
N LEU B 331 -31.14 -3.70 -25.57
CA LEU B 331 -29.72 -3.93 -25.71
C LEU B 331 -29.19 -3.12 -26.88
N PRO B 332 -27.88 -2.93 -26.94
CA PRO B 332 -27.29 -2.15 -28.04
C PRO B 332 -27.50 -2.83 -29.39
N LEU B 333 -27.37 -2.04 -30.45
CA LEU B 333 -27.60 -2.53 -31.80
C LEU B 333 -26.76 -3.77 -32.08
N LYS B 334 -27.22 -4.58 -33.04
CA LYS B 334 -26.55 -5.80 -33.43
C LYS B 334 -26.19 -5.86 -34.90
N ALA B 335 -26.54 -4.83 -35.68
CA ALA B 335 -26.23 -4.80 -37.10
C ALA B 335 -24.75 -4.51 -37.32
N ALA B 336 -24.34 -4.45 -38.58
CA ALA B 336 -22.95 -4.19 -38.90
C ALA B 336 -22.63 -2.72 -38.67
N PRO B 337 -21.42 -2.40 -38.22
CA PRO B 337 -21.06 -1.00 -38.00
C PRO B 337 -20.99 -0.24 -39.32
N GLN B 338 -21.26 1.06 -39.23
CA GLN B 338 -21.21 1.94 -40.39
C GLN B 338 -19.81 2.50 -40.57
N PRO B 339 -19.48 2.94 -41.78
CA PRO B 339 -18.15 3.52 -42.02
C PRO B 339 -17.92 4.77 -41.18
N SER B 340 -16.67 5.00 -40.83
CA SER B 340 -16.29 6.15 -40.02
C SER B 340 -15.12 6.88 -40.67
N VAL B 341 -15.06 8.20 -40.42
CA VAL B 341 -13.97 9.01 -40.97
C VAL B 341 -12.65 8.80 -40.24
N SER B 342 -12.68 8.19 -39.06
CA SER B 342 -11.45 7.98 -38.29
C SER B 342 -10.53 6.93 -38.92
N CYS B 343 -11.05 6.09 -39.80
CA CYS B 343 -10.30 4.97 -40.34
C CYS B 343 -9.88 5.24 -41.79
N VAL B 344 -8.94 4.43 -42.26
CA VAL B 344 -8.45 4.48 -43.63
C VAL B 344 -8.96 3.25 -44.36
N TYR B 345 -9.59 3.46 -45.51
CA TYR B 345 -10.22 2.39 -46.27
C TYR B 345 -9.46 2.14 -47.56
N LYS B 346 -9.36 0.88 -47.95
CA LYS B 346 -8.66 0.50 -49.17
C LYS B 346 -9.34 1.08 -50.40
N GLN B 354 -7.11 5.37 -50.26
CA GLN B 354 -7.10 6.78 -49.94
C GLN B 354 -5.77 7.20 -49.32
N LYS B 355 -5.50 8.51 -49.32
CA LYS B 355 -4.28 9.03 -48.73
C LYS B 355 -4.53 9.41 -47.29
N PRO B 356 -3.78 8.86 -46.33
CA PRO B 356 -4.02 9.19 -44.92
C PRO B 356 -3.86 10.68 -44.66
N GLY B 357 -4.68 11.19 -43.75
CA GLY B 357 -4.64 12.59 -43.36
C GLY B 357 -3.88 12.80 -42.06
N LEU B 358 -3.99 14.02 -41.54
CA LEU B 358 -3.27 14.38 -40.32
C LEU B 358 -3.73 13.55 -39.13
N ARG B 359 -5.04 13.32 -39.02
CA ARG B 359 -5.56 12.59 -37.87
C ARG B 359 -4.99 11.18 -37.81
N HIS B 360 -4.90 10.51 -38.96
CA HIS B 360 -4.38 9.15 -38.98
C HIS B 360 -2.89 9.11 -38.68
N GLN B 361 -2.13 10.05 -39.23
CA GLN B 361 -0.69 10.08 -38.98
C GLN B 361 -0.39 10.37 -37.51
N LEU B 362 -1.12 11.31 -36.91
CA LEU B 362 -0.90 11.62 -35.50
C LEU B 362 -1.22 10.43 -34.62
N GLY B 363 -2.29 9.69 -34.94
CA GLY B 363 -2.61 8.50 -34.17
C GLY B 363 -1.54 7.43 -34.29
N ALA B 364 -0.96 7.28 -35.48
CA ALA B 364 0.14 6.34 -35.65
C ALA B 364 1.35 6.74 -34.83
N ALA B 365 1.69 8.04 -34.82
CA ALA B 365 2.82 8.50 -34.04
C ALA B 365 2.59 8.28 -32.54
N PHE B 366 1.38 8.55 -32.07
CA PHE B 366 1.09 8.41 -30.64
C PHE B 366 1.29 6.99 -30.16
N THR B 367 0.80 6.01 -30.91
CA THR B 367 0.89 4.62 -30.47
C THR B 367 2.32 4.14 -30.40
N LEU B 368 3.21 4.70 -31.24
CA LEU B 368 4.61 4.28 -31.21
C LEU B 368 5.37 4.97 -30.09
N LEU B 369 5.22 6.28 -29.96
CA LEU B 369 5.94 7.01 -28.92
C LEU B 369 5.48 6.63 -27.53
N TYR B 370 4.16 6.51 -27.33
CA TYR B 370 3.64 6.21 -26.00
C TYR B 370 4.11 4.85 -25.52
N LEU B 371 4.06 3.84 -26.39
CA LEU B 371 4.50 2.50 -25.99
C LEU B 371 6.00 2.47 -25.72
N LEU B 372 6.77 3.26 -26.46
CA LEU B 372 8.21 3.34 -26.20
C LEU B 372 8.49 3.94 -24.83
N GLU B 373 7.76 4.99 -24.47
CA GLU B 373 7.98 5.64 -23.18
C GLU B 373 7.61 4.70 -22.03
N GLN B 374 6.53 3.92 -22.19
CA GLN B 374 6.12 3.02 -21.13
C GLN B 374 7.17 1.97 -20.84
N LEU B 375 7.85 1.48 -21.88
CA LEU B 375 8.88 0.46 -21.69
C LEU B 375 10.11 1.05 -20.99
N PHE B 376 10.43 2.32 -21.26
CA PHE B 376 11.66 2.89 -20.76
C PHE B 376 11.54 3.34 -19.31
N LEU B 377 10.42 3.97 -18.95
CA LEU B 377 10.32 4.62 -17.64
C LEU B 377 10.62 3.70 -16.47
N PRO B 378 10.10 2.47 -16.41
CA PRO B 378 10.39 1.60 -15.26
C PRO B 378 11.87 1.26 -15.10
N TYR B 379 12.71 1.54 -16.09
CA TYR B 379 14.13 1.27 -16.02
C TYR B 379 14.96 2.54 -16.13
N SER B 380 14.38 3.67 -15.72
CA SER B 380 15.02 4.97 -15.84
C SER B 380 15.69 5.43 -14.55
N HIS B 381 15.85 4.55 -13.57
CA HIS B 381 16.39 4.95 -12.28
C HIS B 381 17.91 5.04 -12.33
N PHE B 382 18.45 5.69 -13.36
CA PHE B 382 19.86 6.02 -13.44
C PHE B 382 20.11 7.47 -13.79
N LEU B 383 19.08 8.23 -14.14
CA LEU B 383 19.16 9.68 -14.31
C LEU B 383 18.68 10.43 -13.08
N THR B 384 17.66 9.90 -12.39
CA THR B 384 17.16 10.49 -11.15
C THR B 384 17.74 9.70 -9.98
N GLN B 385 19.01 9.96 -9.69
CA GLN B 385 19.72 9.23 -8.65
C GLN B 385 19.35 9.67 -7.25
N GLY B 386 18.64 10.78 -7.11
CA GLY B 386 18.25 11.29 -5.80
C GLY B 386 17.05 10.62 -5.18
N TYR B 387 16.47 9.63 -5.86
CA TYR B 387 15.29 8.94 -5.35
C TYR B 387 15.57 7.47 -5.06
N ASN B 388 16.84 7.07 -4.97
CA ASN B 388 17.23 5.70 -4.68
C ASN B 388 17.88 5.64 -3.31
N ASN B 389 17.35 4.80 -2.42
CA ASN B 389 17.93 4.59 -1.11
C ASN B 389 18.41 3.16 -0.92
N TRP B 390 17.53 2.18 -1.01
CA TRP B 390 17.86 0.76 -1.02
C TRP B 390 17.27 0.07 -2.23
N THR B 391 16.08 0.47 -2.66
CA THR B 391 15.48 0.07 -3.92
C THR B 391 15.66 1.19 -4.93
N ASN B 392 15.04 1.05 -6.10
CA ASN B 392 15.21 2.01 -7.19
C ASN B 392 14.01 2.94 -7.25
N GLY B 393 14.26 4.24 -7.06
CA GLY B 393 13.26 5.26 -7.32
C GLY B 393 12.08 5.24 -6.37
N LEU B 394 11.15 6.15 -6.63
CA LEU B 394 9.91 6.21 -5.87
C LEU B 394 9.01 5.04 -6.25
N TYR B 395 8.21 4.60 -5.28
CA TYR B 395 7.31 3.48 -5.49
C TYR B 395 6.07 3.93 -6.24
N GLY B 396 5.68 3.18 -7.27
CA GLY B 396 4.44 3.44 -7.95
C GLY B 396 4.41 3.25 -9.46
N TYR B 397 5.57 3.28 -10.12
CA TYR B 397 5.61 3.22 -11.58
C TYR B 397 6.63 2.23 -12.09
N SER B 398 6.90 1.17 -11.33
CA SER B 398 7.86 0.15 -11.73
C SER B 398 7.27 -1.26 -11.80
N TRP B 399 6.01 -1.43 -11.43
CA TRP B 399 5.32 -2.73 -11.54
C TRP B 399 6.04 -3.81 -10.73
N ASP B 400 6.50 -3.43 -9.53
CA ASP B 400 7.13 -4.37 -8.61
C ASP B 400 6.19 -4.54 -7.42
N MET B 401 5.30 -5.52 -7.52
CA MET B 401 4.24 -5.73 -6.54
C MET B 401 4.64 -6.80 -5.54
N MET B 402 4.66 -6.44 -4.26
CA MET B 402 4.85 -7.38 -3.17
C MET B 402 6.20 -8.08 -3.23
N VAL B 403 7.23 -7.39 -3.72
CA VAL B 403 8.56 -7.99 -3.81
C VAL B 403 9.38 -7.74 -2.55
N HIS B 404 9.30 -6.53 -2.01
CA HIS B 404 10.10 -6.14 -0.85
C HIS B 404 9.19 -5.86 0.34
N SER B 405 9.49 -6.49 1.47
CA SER B 405 8.74 -6.29 2.70
C SER B 405 9.69 -5.74 3.77
N ARG B 406 9.25 -4.69 4.45
CA ARG B 406 10.08 -4.00 5.43
C ARG B 406 9.51 -4.16 6.83
N SER B 407 10.40 -4.09 7.82
CA SER B 407 10.02 -4.15 9.23
C SER B 407 10.83 -3.11 9.98
N HIS B 408 10.15 -2.22 10.70
CA HIS B 408 10.80 -1.13 11.42
C HIS B 408 10.86 -1.45 12.91
N GLN B 409 12.03 -1.27 13.50
CA GLN B 409 12.25 -1.60 14.90
C GLN B 409 12.20 -0.39 15.83
N HIS B 410 12.79 0.73 15.43
CA HIS B 410 12.84 1.91 16.29
C HIS B 410 13.17 3.13 15.46
N VAL B 411 12.67 4.29 15.92
CA VAL B 411 12.97 5.58 15.31
C VAL B 411 13.21 6.58 16.42
N LYS B 412 14.25 7.41 16.26
CA LYS B 412 14.56 8.45 17.23
C LYS B 412 14.85 9.74 16.49
N ILE B 413 14.27 10.84 16.96
CA ILE B 413 14.47 12.17 16.38
C ILE B 413 15.08 13.05 17.46
N THR B 414 16.22 13.67 17.14
CA THR B 414 16.95 14.52 18.07
C THR B 414 17.11 15.91 17.49
N TYR B 415 17.05 16.91 18.37
CA TYR B 415 17.26 18.30 17.98
C TYR B 415 18.14 18.98 19.00
N ARG B 416 18.90 19.98 18.54
CA ARG B 416 19.71 20.81 19.41
C ARG B 416 19.40 22.27 19.12
N ASP B 417 19.12 23.03 20.18
CA ASP B 417 18.79 24.44 20.02
C ASP B 417 19.97 25.22 19.46
N GLY B 418 19.70 26.09 18.50
CA GLY B 418 20.77 26.88 17.90
C GLY B 418 21.39 27.87 18.86
N ARG B 419 20.59 28.45 19.75
CA ARG B 419 21.07 29.47 20.68
C ARG B 419 21.39 28.87 22.05
N THR B 420 20.42 28.23 22.69
CA THR B 420 20.65 27.67 24.01
C THR B 420 21.68 26.55 23.97
N GLY B 421 21.62 25.69 22.95
CA GLY B 421 22.50 24.55 22.84
C GLY B 421 22.02 23.29 23.52
N GLU B 422 20.84 23.32 24.14
CA GLU B 422 20.32 22.14 24.81
C GLU B 422 19.81 21.12 23.80
N LEU B 423 19.76 19.87 24.23
CA LEU B 423 19.30 18.76 23.40
C LEU B 423 17.88 18.37 23.77
N GLY B 424 17.16 17.82 22.79
CA GLY B 424 15.79 17.40 23.01
C GLY B 424 15.41 16.27 22.07
N TYR B 425 14.24 15.70 22.33
CA TYR B 425 13.73 14.57 21.56
C TYR B 425 12.27 14.79 21.22
N LEU B 426 11.88 14.34 20.03
CA LEU B 426 10.53 14.52 19.52
C LEU B 426 9.85 13.17 19.35
N ASN B 427 8.54 13.18 19.44
CA ASN B 427 7.75 11.97 19.20
C ASN B 427 7.75 11.67 17.71
N PRO B 428 8.19 10.49 17.27
CA PRO B 428 8.31 10.23 15.84
C PRO B 428 6.97 10.37 15.12
N GLY B 429 7.02 10.95 13.93
CA GLY B 429 5.81 11.18 13.15
C GLY B 429 4.82 12.09 13.83
N VAL B 430 5.31 13.16 14.45
CA VAL B 430 4.42 14.02 15.24
C VAL B 430 3.46 14.80 14.34
N PHE B 431 3.97 15.35 13.24
CA PHE B 431 3.18 16.21 12.36
C PHE B 431 2.94 15.58 10.99
N THR B 432 2.86 14.25 10.93
CA THR B 432 2.71 13.55 9.67
C THR B 432 1.44 12.70 9.67
N GLN B 433 0.92 12.45 8.47
CA GLN B 433 -0.26 11.61 8.27
C GLN B 433 0.10 10.26 7.65
N SER B 434 1.38 9.97 7.47
CA SER B 434 1.82 8.71 6.89
C SER B 434 3.23 8.41 7.38
N ARG B 435 3.64 7.15 7.20
CA ARG B 435 4.92 6.68 7.71
C ARG B 435 5.94 6.39 6.62
N ARG B 436 5.62 6.69 5.35
CA ARG B 436 6.53 6.38 4.25
C ARG B 436 7.79 7.22 4.25
N TRP B 437 7.86 8.27 5.06
CA TRP B 437 9.03 9.14 5.10
C TRP B 437 10.26 8.44 5.67
N LYS B 438 10.09 7.27 6.30
CA LYS B 438 11.21 6.60 6.96
C LYS B 438 12.14 5.89 5.99
N ASP B 439 11.72 5.69 4.74
CA ASP B 439 12.48 4.89 3.79
C ASP B 439 13.00 5.68 2.60
N HIS B 440 12.75 6.98 2.55
CA HIS B 440 13.14 7.80 1.41
C HIS B 440 13.86 9.05 1.88
N ALA B 441 14.99 9.35 1.23
CA ALA B 441 15.77 10.52 1.60
C ALA B 441 15.12 11.82 1.13
N ASP B 442 14.40 11.77 0.01
CA ASP B 442 13.69 12.97 -0.45
C ASP B 442 12.59 13.35 0.53
N MET B 443 11.89 12.37 1.08
CA MET B 443 10.83 12.67 2.05
C MET B 443 11.42 13.10 3.39
N LEU B 444 12.54 12.49 3.79
CA LEU B 444 13.18 12.89 5.04
C LEU B 444 13.65 14.34 4.98
N LYS B 445 14.18 14.77 3.83
CA LYS B 445 14.60 16.15 3.67
C LYS B 445 13.42 17.10 3.81
N GLN B 446 12.27 16.74 3.21
CA GLN B 446 11.07 17.55 3.36
C GLN B 446 10.62 17.60 4.81
N TYR B 447 10.64 16.45 5.49
CA TYR B 447 10.19 16.40 6.87
C TYR B 447 11.06 17.28 7.77
N ALA B 448 12.38 17.25 7.57
CA ALA B 448 13.27 18.06 8.40
C ALA B 448 13.05 19.54 8.15
N THR B 449 12.83 19.92 6.88
CA THR B 449 12.55 21.32 6.58
C THR B 449 11.24 21.78 7.22
N CYS B 450 10.21 20.93 7.18
CA CYS B 450 8.94 21.28 7.80
C CYS B 450 9.09 21.44 9.31
N LEU B 451 9.85 20.56 9.95
CA LEU B 451 10.03 20.65 11.40
C LEU B 451 10.71 21.95 11.80
N SER B 452 11.74 22.35 11.07
CA SER B 452 12.48 23.55 11.43
C SER B 452 11.60 24.80 11.32
N ARG B 453 10.59 24.77 10.46
CA ARG B 453 9.68 25.91 10.34
C ARG B 453 8.66 25.95 11.47
N LEU B 454 8.24 24.79 11.97
CA LEU B 454 7.22 24.75 13.02
C LEU B 454 7.81 24.89 14.41
N LEU B 455 9.02 24.36 14.62
CA LEU B 455 9.60 24.37 15.96
C LEU B 455 9.71 25.76 16.57
N PRO B 456 10.11 26.81 15.83
CA PRO B 456 10.26 28.13 16.45
C PRO B 456 9.03 28.58 17.23
N LYS B 457 7.85 28.07 16.87
CA LYS B 457 6.62 28.42 17.57
C LYS B 457 6.47 27.68 18.89
N TYR B 458 7.36 26.72 19.19
CA TYR B 458 7.39 26.06 20.48
C TYR B 458 8.63 26.44 21.29
N ASN B 459 9.21 27.60 20.99
CA ASN B 459 10.37 28.12 21.73
C ASN B 459 11.64 27.30 21.44
N VAL B 460 11.83 26.93 20.18
CA VAL B 460 13.06 26.29 19.72
C VAL B 460 13.56 27.09 18.53
N THR B 461 14.81 27.57 18.61
CA THR B 461 15.36 28.49 17.63
C THR B 461 16.49 27.81 16.85
N GLU B 462 16.42 27.90 15.53
CA GLU B 462 17.46 27.38 14.65
C GLU B 462 17.86 25.96 15.00
N PRO B 463 16.90 25.03 15.03
CA PRO B 463 17.22 23.67 15.47
C PRO B 463 18.05 22.90 14.45
N GLN B 464 18.78 21.91 14.96
CA GLN B 464 19.45 20.90 14.15
C GLN B 464 18.82 19.56 14.47
N ILE B 465 18.43 18.81 13.44
CA ILE B 465 17.63 17.61 13.61
C ILE B 465 18.42 16.42 13.07
N TYR B 466 18.45 15.34 13.86
CA TYR B 466 19.11 14.10 13.49
C TYR B 466 18.11 12.95 13.58
N PHE B 467 18.33 11.92 12.76
CA PHE B 467 17.43 10.79 12.68
C PHE B 467 18.18 9.49 12.91
N ASP B 468 17.52 8.55 13.56
CA ASP B 468 18.09 7.23 13.86
C ASP B 468 16.99 6.19 13.64
N ILE B 469 16.95 5.61 12.44
CA ILE B 469 15.90 4.68 12.05
C ILE B 469 16.55 3.32 11.77
N TRP B 470 15.95 2.27 12.34
CA TRP B 470 16.42 0.90 12.14
C TRP B 470 15.40 0.15 11.31
N VAL B 471 15.85 -0.43 10.20
CA VAL B 471 14.97 -1.12 9.26
C VAL B 471 15.54 -2.48 8.92
N SER B 472 14.65 -3.42 8.61
CA SER B 472 15.01 -4.75 8.14
C SER B 472 14.15 -5.07 6.92
N ILE B 473 14.78 -5.61 5.88
CA ILE B 473 14.10 -5.90 4.62
C ILE B 473 14.20 -7.40 4.35
N ASN B 474 13.05 -8.04 4.17
CA ASN B 474 12.96 -9.47 3.86
C ASN B 474 13.71 -10.31 4.89
N ASP B 475 13.51 -9.98 6.17
CA ASP B 475 13.99 -10.79 7.29
C ASP B 475 15.51 -10.73 7.45
N ARG B 476 16.12 -9.61 7.05
CA ARG B 476 17.55 -9.42 7.20
C ARG B 476 17.88 -8.85 8.58
N PHE B 477 19.16 -8.67 8.85
CA PHE B 477 19.58 -8.01 10.09
C PHE B 477 19.01 -6.59 10.12
N GLN B 478 18.57 -6.17 11.31
CA GLN B 478 18.16 -4.78 11.48
C GLN B 478 19.39 -3.87 11.41
N GLN B 479 19.26 -2.77 10.68
CA GLN B 479 20.38 -1.87 10.47
C GLN B 479 19.86 -0.46 10.24
N ARG B 480 20.76 0.51 10.40
CA ARG B 480 20.44 1.90 10.13
C ARG B 480 20.36 2.16 8.63
N ILE B 481 19.48 3.07 8.25
CA ILE B 481 19.32 3.43 6.85
C ILE B 481 19.89 4.82 6.54
N PHE B 482 20.05 5.68 7.53
CA PHE B 482 20.61 7.01 7.34
C PHE B 482 21.72 7.23 8.36
N ASP B 483 22.63 8.14 8.03
CA ASP B 483 23.71 8.46 8.95
C ASP B 483 23.16 9.25 10.13
N PRO B 484 23.31 8.77 11.37
CA PRO B 484 22.74 9.46 12.52
C PRO B 484 23.54 10.66 13.01
N ARG B 485 24.67 10.97 12.40
CA ARG B 485 25.51 12.08 12.81
C ARG B 485 25.40 13.27 11.87
N VAL B 486 24.44 13.28 10.95
CA VAL B 486 24.30 14.31 9.94
C VAL B 486 23.05 15.13 10.25
N ASP B 487 23.20 16.45 10.24
CA ASP B 487 22.08 17.37 10.43
C ASP B 487 21.30 17.46 9.12
N ILE B 488 20.13 16.84 9.08
CA ILE B 488 19.37 16.76 7.83
C ILE B 488 18.84 18.12 7.40
N VAL B 489 18.74 19.08 8.32
CA VAL B 489 18.26 20.40 7.95
C VAL B 489 19.23 21.06 6.96
N GLN B 490 20.53 20.92 7.20
CA GLN B 490 21.55 21.48 6.34
C GLN B 490 22.13 20.47 5.36
N ALA B 491 21.65 19.22 5.37
CA ALA B 491 22.17 18.21 4.46
C ALA B 491 21.83 18.56 3.02
N ALA B 492 22.69 18.13 2.10
CA ALA B 492 22.54 18.43 0.69
C ALA B 492 21.75 17.32 0.00
N TRP B 493 20.75 17.71 -0.79
CA TRP B 493 19.95 16.78 -1.56
C TRP B 493 19.66 17.37 -2.93
N SER B 494 19.77 16.55 -3.96
CA SER B 494 19.49 16.95 -5.33
C SER B 494 18.77 15.82 -6.05
N PRO B 495 17.89 16.13 -7.00
CA PRO B 495 17.15 15.07 -7.69
C PRO B 495 18.03 14.15 -8.52
N PHE B 496 19.16 14.64 -9.02
CA PHE B 496 19.98 13.90 -9.97
C PHE B 496 21.30 13.43 -9.39
N GLN B 497 21.50 13.54 -8.08
CA GLN B 497 22.74 13.14 -7.44
C GLN B 497 22.45 12.12 -6.35
N ARG B 498 23.30 11.10 -6.27
CA ARG B 498 23.15 10.08 -5.23
C ARG B 498 23.33 10.71 -3.85
N THR B 499 22.43 10.37 -2.94
CA THR B 499 22.47 10.93 -1.60
C THR B 499 23.68 10.42 -0.84
N SER B 500 24.41 11.34 -0.20
CA SER B 500 25.64 10.98 0.49
C SER B 500 25.39 10.30 1.83
N TRP B 501 24.31 10.67 2.52
CA TRP B 501 24.06 10.22 3.89
C TRP B 501 23.08 9.06 3.96
N VAL B 502 23.12 8.15 2.99
CA VAL B 502 22.30 6.94 3.00
C VAL B 502 23.23 5.75 3.27
N GLN B 503 22.91 4.98 4.31
CA GLN B 503 23.74 3.84 4.67
C GLN B 503 23.53 2.70 3.68
N PRO B 504 24.59 2.14 3.11
CA PRO B 504 24.42 1.02 2.18
C PRO B 504 23.84 -0.21 2.85
N LEU B 505 23.08 -0.98 2.07
CA LEU B 505 22.52 -2.23 2.56
C LEU B 505 23.60 -3.30 2.63
N LEU B 506 23.67 -4.00 3.76
CA LEU B 506 24.68 -5.02 4.00
C LEU B 506 24.22 -6.32 3.35
N MET B 507 24.53 -6.47 2.06
CA MET B 507 24.10 -7.66 1.32
C MET B 507 24.97 -8.88 1.65
N ASP B 508 26.19 -8.67 2.13
CA ASP B 508 27.07 -9.79 2.44
C ASP B 508 26.55 -10.64 3.59
N LEU B 509 25.67 -10.10 4.43
CA LEU B 509 25.14 -10.82 5.58
C LEU B 509 23.84 -11.56 5.25
N SER B 510 23.39 -11.53 4.00
CA SER B 510 22.17 -12.23 3.64
C SER B 510 22.19 -13.72 3.99
N PRO B 511 23.28 -14.46 3.77
CA PRO B 511 23.26 -15.89 4.08
C PRO B 511 22.96 -16.20 5.54
N TRP B 512 23.06 -15.21 6.43
CA TRP B 512 22.77 -15.44 7.85
C TRP B 512 21.29 -15.72 8.10
N ARG B 513 20.42 -15.46 7.13
CA ARG B 513 18.99 -15.57 7.37
C ARG B 513 18.60 -16.98 7.80
N ALA B 514 19.23 -17.99 7.19
CA ALA B 514 18.93 -19.37 7.56
C ALA B 514 19.27 -19.63 9.02
N LYS B 515 20.42 -19.13 9.47
CA LYS B 515 20.80 -19.30 10.87
C LYS B 515 19.88 -18.54 11.80
N LEU B 516 19.45 -17.34 11.38
CA LEU B 516 18.58 -16.53 12.23
C LEU B 516 17.26 -17.23 12.51
N GLN B 517 16.67 -17.85 11.49
CA GLN B 517 15.41 -18.57 11.68
C GLN B 517 15.60 -19.75 12.63
N GLU B 518 16.74 -20.43 12.54
CA GLU B 518 16.99 -21.58 13.41
C GLU B 518 16.99 -21.16 14.88
N ILE B 519 17.64 -20.03 15.18
CA ILE B 519 17.65 -19.52 16.56
C ILE B 519 16.24 -19.16 17.00
N LYS B 520 15.48 -18.47 16.15
CA LYS B 520 14.14 -18.05 16.50
C LYS B 520 13.18 -19.21 16.68
N SER B 521 13.49 -20.38 16.11
CA SER B 521 12.62 -21.54 16.22
C SER B 521 12.88 -22.38 17.47
N SER B 522 14.05 -22.22 18.10
CA SER B 522 14.38 -22.95 19.31
C SER B 522 14.08 -22.20 20.58
N LEU B 523 13.57 -20.97 20.48
CA LEU B 523 13.30 -20.15 21.65
C LEU B 523 12.06 -20.66 22.39
N ASP B 524 12.01 -20.33 23.68
CA ASP B 524 10.86 -20.68 24.50
C ASP B 524 9.67 -19.79 24.14
N ASN B 525 8.48 -20.21 24.59
CA ASN B 525 7.27 -19.46 24.30
C ASN B 525 7.22 -18.10 24.98
N HIS B 526 8.11 -17.84 25.93
CA HIS B 526 8.14 -16.57 26.64
C HIS B 526 9.38 -15.75 26.37
N THR B 527 10.16 -16.10 25.34
CA THR B 527 11.42 -15.43 25.04
C THR B 527 11.35 -14.77 23.67
N GLU B 528 12.09 -13.67 23.53
CA GLU B 528 12.13 -12.90 22.29
C GLU B 528 13.57 -12.54 21.97
N VAL B 529 13.83 -12.29 20.69
CA VAL B 529 15.17 -12.02 20.19
C VAL B 529 15.12 -10.91 19.15
N VAL B 530 16.17 -10.09 19.10
CA VAL B 530 16.32 -9.04 18.11
C VAL B 530 17.72 -9.12 17.53
N PHE B 531 17.83 -9.07 16.21
CA PHE B 531 19.10 -9.18 15.49
C PHE B 531 19.49 -7.81 14.96
N ILE B 532 20.73 -7.40 15.24
CA ILE B 532 21.20 -6.06 14.91
C ILE B 532 22.60 -6.15 14.29
N ALA B 533 22.85 -5.29 13.30
CA ALA B 533 24.16 -5.15 12.69
C ALA B 533 24.51 -3.67 12.63
N ASP B 534 25.72 -3.33 13.09
CA ASP B 534 26.14 -1.95 13.20
C ASP B 534 27.44 -1.73 12.43
N PHE B 535 27.61 -0.52 11.92
CA PHE B 535 28.78 -0.14 11.14
C PHE B 535 29.95 0.22 12.04
N PRO B 536 31.17 0.13 11.52
CA PRO B 536 32.34 0.50 12.32
C PRO B 536 32.30 1.98 12.70
N GLY B 537 32.79 2.28 13.89
CA GLY B 537 32.86 3.64 14.38
C GLY B 537 31.57 4.18 14.95
N LEU B 538 30.50 3.40 14.96
CA LEU B 538 29.22 3.83 15.49
C LEU B 538 28.89 3.04 16.76
N HIS B 539 28.00 3.60 17.57
CA HIS B 539 27.57 2.97 18.81
C HIS B 539 26.06 3.07 18.93
N LEU B 540 25.49 2.16 19.72
CA LEU B 540 24.06 2.12 19.99
C LEU B 540 23.83 2.31 21.49
N GLU B 541 22.99 3.27 21.84
CA GLU B 541 22.64 3.54 23.22
C GLU B 541 21.23 3.00 23.48
N ASN B 542 21.09 2.19 24.53
CA ASN B 542 19.84 1.49 24.79
C ASN B 542 19.48 1.64 26.25
N PHE B 543 18.20 1.93 26.51
CA PHE B 543 17.63 1.94 27.85
C PHE B 543 16.70 0.74 27.97
N VAL B 544 16.99 -0.14 28.92
CA VAL B 544 16.22 -1.36 29.12
C VAL B 544 15.15 -1.09 30.17
N SER B 545 13.89 -1.38 29.83
CA SER B 545 12.80 -1.15 30.76
C SER B 545 12.90 -2.11 31.94
N GLU B 546 12.34 -1.66 33.07
CA GLU B 546 12.35 -2.47 34.29
C GLU B 546 11.62 -3.78 34.06
N ASP B 547 10.54 -3.76 33.27
CA ASP B 547 9.76 -4.96 33.02
C ASP B 547 10.55 -6.03 32.28
N LEU B 548 11.65 -5.65 31.62
CA LEU B 548 12.46 -6.58 30.84
C LEU B 548 13.59 -7.13 31.71
N GLY B 549 13.18 -7.90 32.71
CA GLY B 549 14.15 -8.63 33.50
C GLY B 549 14.74 -9.79 32.73
N ASN B 550 15.95 -10.18 33.10
CA ASN B 550 16.67 -11.26 32.43
C ASN B 550 16.89 -10.93 30.95
N THR B 551 17.69 -9.89 30.72
CA THR B 551 18.10 -9.46 29.39
C THR B 551 19.58 -9.71 29.18
N SER B 552 19.95 -10.16 27.98
CA SER B 552 21.34 -10.48 27.69
C SER B 552 21.63 -10.17 26.23
N ILE B 553 22.91 -10.04 25.92
CA ILE B 553 23.39 -9.75 24.57
C ILE B 553 24.49 -10.74 24.23
N GLN B 554 24.43 -11.31 23.03
CA GLN B 554 25.43 -12.26 22.55
C GLN B 554 25.98 -11.78 21.21
N LEU B 555 27.29 -12.00 21.02
CA LEU B 555 27.97 -11.55 19.80
C LEU B 555 28.02 -12.69 18.78
N LEU B 556 27.63 -12.39 17.55
CA LEU B 556 27.63 -13.36 16.46
C LEU B 556 28.81 -13.21 15.52
N GLN B 557 29.23 -11.98 15.23
CA GLN B 557 30.31 -11.76 14.29
C GLN B 557 30.94 -10.39 14.58
N GLY B 558 32.26 -10.32 14.45
CA GLY B 558 32.97 -9.08 14.68
C GLY B 558 33.42 -8.91 16.12
N GLU B 559 33.54 -7.66 16.58
CA GLU B 559 33.92 -7.37 17.95
C GLU B 559 33.26 -6.08 18.39
N VAL B 560 32.73 -6.08 19.61
CA VAL B 560 32.04 -4.93 20.18
C VAL B 560 32.48 -4.75 21.63
N THR B 561 32.28 -3.53 22.13
CA THR B 561 32.55 -3.19 23.53
C THR B 561 31.26 -2.69 24.15
N VAL B 562 30.91 -3.26 25.31
CA VAL B 562 29.68 -2.92 26.03
C VAL B 562 30.06 -2.13 27.28
N GLU B 563 29.48 -0.95 27.42
CA GLU B 563 29.77 -0.05 28.53
C GLU B 563 28.52 0.13 29.38
N LEU B 564 28.68 -0.01 30.70
CA LEU B 564 27.61 0.27 31.64
C LEU B 564 27.76 1.72 32.08
N VAL B 565 26.81 2.56 31.66
CA VAL B 565 26.94 4.00 31.86
C VAL B 565 26.97 4.34 33.35
N ALA B 566 26.08 3.72 34.14
CA ALA B 566 26.03 4.04 35.56
C ALA B 566 27.32 3.69 36.27
N GLU B 567 27.87 2.50 35.98
CA GLU B 567 29.11 2.06 36.62
C GLU B 567 30.37 2.49 35.88
N GLN B 568 30.24 3.07 34.69
CA GLN B 568 31.39 3.49 33.89
C GLN B 568 32.38 2.35 33.70
N LYS B 569 31.84 1.18 33.37
CA LYS B 569 32.64 -0.03 33.19
C LYS B 569 32.58 -0.48 31.73
N ASN B 570 33.74 -0.84 31.19
CA ASN B 570 33.86 -1.31 29.82
C ASN B 570 34.23 -2.79 29.82
N GLN B 571 33.54 -3.57 28.98
CA GLN B 571 33.83 -4.99 28.82
C GLN B 571 33.81 -5.35 27.35
N THR B 572 34.84 -6.06 26.91
CA THR B 572 34.95 -6.48 25.52
C THR B 572 34.35 -7.87 25.34
N LEU B 573 33.75 -8.11 24.18
CA LEU B 573 33.10 -9.37 23.88
C LEU B 573 33.78 -10.04 22.69
N ARG B 574 33.76 -11.37 22.69
CA ARG B 574 34.30 -12.18 21.62
C ARG B 574 33.17 -13.00 20.99
N GLU B 575 33.46 -13.55 19.81
CA GLU B 575 32.46 -14.33 19.10
C GLU B 575 31.95 -15.48 19.97
N GLY B 576 30.63 -15.62 20.03
CA GLY B 576 30.01 -16.63 20.85
C GLY B 576 29.92 -16.31 22.32
N GLU B 577 30.25 -15.09 22.72
CA GLU B 577 30.23 -14.69 24.12
C GLU B 577 28.92 -13.97 24.45
N LYS B 578 28.34 -14.31 25.59
CA LYS B 578 27.08 -13.73 26.03
C LYS B 578 27.27 -13.04 27.37
N MET B 579 26.64 -11.88 27.53
CA MET B 579 26.77 -11.08 28.75
C MET B 579 25.40 -10.60 29.19
N GLN B 580 25.15 -10.63 30.50
CA GLN B 580 23.88 -10.18 31.04
C GLN B 580 23.89 -8.68 31.26
N LEU B 581 22.74 -8.04 30.99
CA LEU B 581 22.63 -6.60 31.08
C LEU B 581 21.65 -6.20 32.19
N PRO B 582 21.92 -5.10 32.90
CA PRO B 582 20.99 -4.66 33.94
C PRO B 582 19.70 -4.14 33.35
N ALA B 583 18.63 -4.23 34.14
CA ALA B 583 17.31 -3.76 33.75
C ALA B 583 17.04 -2.41 34.39
N GLY B 584 16.43 -1.51 33.62
CA GLY B 584 16.17 -0.16 34.11
C GLY B 584 17.37 0.75 34.14
N GLU B 585 18.32 0.56 33.23
CA GLU B 585 19.53 1.38 33.19
C GLU B 585 19.95 1.54 31.73
N TYR B 586 21.01 2.33 31.54
CA TYR B 586 21.57 2.59 30.22
C TYR B 586 22.78 1.72 29.97
N HIS B 587 22.98 1.36 28.70
CA HIS B 587 24.18 0.67 28.27
C HIS B 587 24.44 1.02 26.81
N LYS B 588 25.72 1.04 26.43
CA LYS B 588 26.14 1.42 25.09
C LYS B 588 26.99 0.31 24.47
N VAL B 589 26.79 0.08 23.18
CA VAL B 589 27.52 -0.94 22.44
C VAL B 589 28.34 -0.22 21.37
N TYR B 590 29.66 -0.39 21.44
CA TYR B 590 30.57 0.19 20.46
C TYR B 590 31.07 -0.88 19.50
N THR B 591 31.02 -0.57 18.21
CA THR B 591 31.52 -1.47 17.17
C THR B 591 32.96 -1.07 16.86
N THR B 592 33.91 -1.76 17.48
CA THR B 592 35.32 -1.44 17.32
C THR B 592 35.98 -2.19 16.16
N SER B 593 35.27 -3.11 15.52
CA SER B 593 35.83 -3.86 14.42
C SER B 593 36.00 -2.99 13.18
N PRO B 594 36.88 -3.38 12.26
CA PRO B 594 36.97 -2.67 10.97
C PRO B 594 35.88 -3.05 9.99
N SER B 595 35.03 -4.01 10.32
CA SER B 595 33.91 -4.44 9.52
C SER B 595 32.67 -4.49 10.40
N PRO B 596 31.48 -4.41 9.80
CA PRO B 596 30.25 -4.40 10.59
C PRO B 596 30.15 -5.64 11.47
N SER B 597 29.60 -5.45 12.67
CA SER B 597 29.43 -6.51 13.64
C SER B 597 27.98 -6.95 13.70
N CYS B 598 27.75 -8.16 14.21
CA CYS B 598 26.41 -8.73 14.34
C CYS B 598 26.23 -9.25 15.75
N TYR B 599 25.07 -8.95 16.35
CA TYR B 599 24.74 -9.45 17.68
C TYR B 599 23.22 -9.47 17.82
N MET B 600 22.76 -10.19 18.84
CA MET B 600 21.33 -10.37 19.07
C MET B 600 21.00 -10.08 20.52
N TYR B 601 19.76 -9.65 20.75
CA TYR B 601 19.24 -9.38 22.08
C TYR B 601 18.23 -10.47 22.44
N VAL B 602 18.41 -11.07 23.62
CA VAL B 602 17.49 -12.07 24.14
C VAL B 602 16.97 -11.56 25.49
N TYR B 603 15.66 -11.44 25.60
CA TYR B 603 15.04 -10.87 26.79
C TYR B 603 13.72 -11.57 27.09
N VAL B 604 13.31 -11.45 28.35
CA VAL B 604 12.04 -12.01 28.81
C VAL B 604 11.32 -10.94 29.62
N ASN B 605 10.02 -10.80 29.40
CA ASN B 605 9.20 -9.84 30.14
C ASN B 605 8.82 -10.47 31.47
N THR B 606 9.61 -10.18 32.51
CA THR B 606 9.38 -10.78 33.81
C THR B 606 8.07 -10.30 34.43
N THR B 607 7.75 -9.02 34.27
CA THR B 607 6.52 -8.49 34.86
C THR B 607 5.29 -9.20 34.29
N GLU B 608 5.25 -9.38 32.97
CA GLU B 608 4.14 -10.09 32.37
C GLU B 608 4.09 -11.54 32.82
N LEU B 609 5.25 -12.19 32.90
CA LEU B 609 5.28 -13.60 33.29
C LEU B 609 4.71 -13.80 34.68
N ALA B 610 5.11 -12.97 35.64
CA ALA B 610 4.56 -13.08 36.99
C ALA B 610 3.07 -12.78 37.00
N LEU B 611 2.65 -11.75 36.28
CA LEU B 611 1.23 -11.40 36.25
C LEU B 611 0.39 -12.53 35.66
N GLU B 612 0.88 -13.14 34.57
CA GLU B 612 0.14 -14.26 33.97
C GLU B 612 0.05 -15.43 34.92
N GLN B 613 1.13 -15.74 35.64
CA GLN B 613 1.09 -16.84 36.60
C GLN B 613 0.06 -16.55 37.69
N ASP B 614 0.02 -15.32 38.20
CA ASP B 614 -0.96 -14.97 39.21
C ASP B 614 -2.38 -15.10 38.66
N LEU B 615 -2.60 -14.64 37.43
CA LEU B 615 -3.92 -14.75 36.82
C LEU B 615 -4.31 -16.22 36.62
N ALA B 616 -3.37 -17.05 36.17
CA ALA B 616 -3.65 -18.46 36.00
C ALA B 616 -3.98 -19.12 37.33
N TYR B 617 -3.25 -18.77 38.39
CA TYR B 617 -3.54 -19.32 39.71
C TYR B 617 -4.94 -18.93 40.16
N LEU B 618 -5.33 -17.69 39.91
CA LEU B 618 -6.69 -17.26 40.25
C LEU B 618 -7.74 -18.07 39.49
N GLN B 619 -7.50 -18.30 38.19
CA GLN B 619 -8.42 -19.11 37.40
C GLN B 619 -8.52 -20.53 37.94
N GLU B 620 -7.38 -21.12 38.32
CA GLU B 620 -7.41 -22.46 38.89
C GLU B 620 -8.20 -22.48 40.19
N LEU B 621 -8.02 -21.45 41.03
CA LEU B 621 -8.80 -21.36 42.26
C LEU B 621 -10.28 -21.26 41.97
N LYS B 622 -10.65 -20.44 40.98
CA LYS B 622 -12.06 -20.32 40.61
C LYS B 622 -12.61 -21.65 40.09
N GLU B 623 -11.83 -22.35 39.27
CA GLU B 623 -12.25 -23.65 38.79
C GLU B 623 -12.42 -24.63 39.95
N LYS B 624 -11.52 -24.57 40.93
CA LYS B 624 -11.66 -25.41 42.11
C LYS B 624 -12.94 -25.08 42.87
N VAL B 625 -13.28 -23.79 42.98
CA VAL B 625 -14.53 -23.41 43.61
C VAL B 625 -15.72 -23.90 42.79
N GLU B 626 -15.65 -23.75 41.46
CA GLU B 626 -16.76 -24.14 40.61
C GLU B 626 -17.01 -25.65 40.66
N ASN B 627 -15.94 -26.45 40.65
CA ASN B 627 -16.07 -27.89 40.60
C ASN B 627 -16.51 -28.50 41.92
N GLY B 628 -16.59 -27.71 42.99
CA GLY B 628 -17.02 -28.20 44.29
C GLY B 628 -15.92 -28.28 45.33
N SER B 629 -14.67 -28.15 44.94
CA SER B 629 -13.57 -28.18 45.88
C SER B 629 -13.47 -26.84 46.62
N GLU B 630 -12.50 -26.73 47.53
CA GLU B 630 -12.30 -25.53 48.33
C GLU B 630 -13.56 -25.19 49.13
N THR B 631 -13.92 -26.11 50.01
CA THR B 631 -15.12 -25.93 50.84
C THR B 631 -15.00 -24.73 51.77
N GLY B 632 -13.79 -24.24 52.01
CA GLY B 632 -13.59 -23.10 52.88
C GLY B 632 -14.18 -21.84 52.31
N PRO B 633 -14.46 -20.85 53.17
CA PRO B 633 -15.09 -19.62 52.70
C PRO B 633 -14.22 -18.92 51.67
N LEU B 634 -14.87 -18.34 50.66
CA LEU B 634 -14.15 -17.62 49.62
C LEU B 634 -13.62 -16.29 50.15
N PRO B 635 -12.44 -15.88 49.68
CA PRO B 635 -11.90 -14.59 50.11
C PRO B 635 -12.77 -13.45 49.61
N PRO B 636 -12.75 -12.31 50.29
CA PRO B 636 -13.56 -11.17 49.80
C PRO B 636 -13.20 -10.74 48.39
N GLU B 637 -11.93 -10.85 48.01
CA GLU B 637 -11.54 -10.51 46.65
C GLU B 637 -12.12 -11.46 45.61
N LEU B 638 -12.37 -12.72 45.99
CA LEU B 638 -12.95 -13.68 45.06
C LEU B 638 -14.44 -13.47 44.84
N GLN B 639 -15.10 -12.71 45.72
CA GLN B 639 -16.52 -12.46 45.54
C GLN B 639 -16.83 -11.77 44.21
N PRO B 640 -16.11 -10.72 43.81
CA PRO B 640 -16.39 -10.11 42.50
C PRO B 640 -16.25 -11.07 41.33
N LEU B 641 -15.37 -12.06 41.42
CA LEU B 641 -15.22 -13.02 40.34
C LEU B 641 -16.53 -13.79 40.11
N LEU B 642 -17.16 -14.23 41.19
CA LEU B 642 -18.43 -14.95 41.06
C LEU B 642 -19.57 -14.01 40.66
N GLU B 643 -19.66 -12.84 41.29
CA GLU B 643 -20.73 -11.90 40.98
C GLU B 643 -20.56 -11.32 39.58
N GLY B 644 -19.35 -10.89 39.24
CA GLY B 644 -19.09 -10.29 37.95
C GLY B 644 -19.43 -8.83 37.83
N GLU B 645 -19.99 -8.22 38.87
CA GLU B 645 -20.33 -6.80 38.87
C GLU B 645 -19.94 -6.19 40.20
N VAL B 646 -19.23 -5.06 40.16
CA VAL B 646 -18.76 -4.39 41.35
C VAL B 646 -19.83 -3.37 41.74
N LYS B 647 -20.80 -3.82 42.53
CA LYS B 647 -21.88 -2.97 43.02
C LYS B 647 -22.03 -3.17 44.52
N GLY B 648 -22.10 -2.06 45.25
CA GLY B 648 -22.24 -2.15 46.70
C GLY B 648 -21.06 -2.81 47.38
N GLY B 649 -19.84 -2.44 47.00
CA GLY B 649 -18.66 -3.01 47.60
C GLY B 649 -17.41 -2.21 47.28
N PRO B 650 -16.29 -2.60 47.88
CA PRO B 650 -15.03 -1.89 47.64
C PRO B 650 -14.54 -2.10 46.21
N GLU B 651 -13.76 -1.13 45.74
CA GLU B 651 -13.24 -1.20 44.38
C GLU B 651 -12.33 -2.42 44.24
N PRO B 652 -12.51 -3.22 43.20
CA PRO B 652 -11.68 -4.42 43.04
C PRO B 652 -10.24 -4.07 42.72
N THR B 653 -9.35 -5.00 43.06
CA THR B 653 -7.93 -4.81 42.79
C THR B 653 -7.65 -4.87 41.30
N PRO B 654 -6.54 -4.29 40.86
CA PRO B 654 -6.22 -4.31 39.42
C PRO B 654 -6.13 -5.72 38.85
N LEU B 655 -5.66 -6.69 39.65
CA LEU B 655 -5.59 -8.06 39.16
C LEU B 655 -6.98 -8.59 38.82
N VAL B 656 -7.97 -8.32 39.68
CA VAL B 656 -9.33 -8.76 39.41
C VAL B 656 -9.88 -8.07 38.16
N GLN B 657 -9.62 -6.77 38.03
CA GLN B 657 -10.08 -6.04 36.84
C GLN B 657 -9.42 -6.60 35.59
N THR B 658 -8.13 -6.91 35.65
CA THR B 658 -7.45 -7.49 34.49
C THR B 658 -8.05 -8.85 34.14
N PHE B 659 -8.32 -9.69 35.15
CA PHE B 659 -8.93 -10.98 34.88
C PHE B 659 -10.32 -10.83 34.27
N LEU B 660 -11.11 -9.90 34.79
CA LEU B 660 -12.44 -9.68 34.24
C LEU B 660 -12.36 -9.18 32.80
N ARG B 661 -11.44 -8.26 32.52
CA ARG B 661 -11.28 -7.76 31.16
C ARG B 661 -10.87 -8.87 30.21
N ARG B 662 -9.92 -9.72 30.64
CA ARG B 662 -9.48 -10.82 29.77
C ARG B 662 -10.63 -11.79 29.51
N GLN B 663 -11.40 -12.13 30.54
CA GLN B 663 -12.52 -13.04 30.34
C GLN B 663 -13.55 -12.45 29.39
N GLN B 664 -13.86 -11.16 29.55
CA GLN B 664 -14.80 -10.52 28.64
C GLN B 664 -14.29 -10.51 27.20
N ARG B 665 -12.99 -10.24 27.03
CA ARG B 665 -12.42 -10.21 25.69
C ARG B 665 -12.51 -11.60 25.04
N LEU B 666 -12.23 -12.65 25.79
CA LEU B 666 -12.34 -14.00 25.25
C LEU B 666 -13.78 -14.32 24.85
N GLN B 667 -14.75 -13.91 25.67
CA GLN B 667 -16.15 -14.14 25.34
C GLN B 667 -16.54 -13.41 24.06
N GLU B 668 -16.08 -12.18 23.90
CA GLU B 668 -16.39 -11.43 22.69
C GLU B 668 -15.77 -12.10 21.46
N ILE B 669 -14.54 -12.60 21.58
CA ILE B 669 -13.89 -13.27 20.47
C ILE B 669 -14.68 -14.50 20.06
N GLU B 670 -15.14 -15.29 21.04
CA GLU B 670 -15.94 -16.46 20.73
C GLU B 670 -17.25 -16.06 20.05
N ARG B 671 -17.89 -14.98 20.55
CA ARG B 671 -19.14 -14.53 19.93
C ARG B 671 -18.91 -14.08 18.50
N ARG B 672 -17.81 -13.36 18.24
CA ARG B 672 -17.52 -12.91 16.88
C ARG B 672 -17.30 -14.08 15.95
N ARG B 673 -16.59 -15.12 16.42
CA ARG B 673 -16.34 -16.29 15.59
C ARG B 673 -17.65 -17.00 15.22
N ASN B 674 -18.55 -17.14 16.18
CA ASN B 674 -19.82 -17.83 15.96
C ASN B 674 -20.84 -16.84 15.38
N THR B 675 -20.55 -16.39 14.16
CA THR B 675 -21.41 -15.46 13.45
C THR B 675 -21.74 -16.03 12.09
N PRO B 676 -23.02 -16.14 11.73
CA PRO B 676 -23.38 -16.68 10.41
C PRO B 676 -22.91 -15.77 9.28
N PHE B 677 -22.69 -16.38 8.13
CA PHE B 677 -22.23 -15.63 6.97
C PHE B 677 -23.22 -14.54 6.57
N HIS B 678 -24.52 -14.79 6.73
CA HIS B 678 -25.51 -13.80 6.36
C HIS B 678 -25.33 -12.51 7.17
N GLU B 679 -25.11 -12.64 8.47
CA GLU B 679 -24.89 -11.46 9.30
C GLU B 679 -23.64 -10.72 8.88
N ARG B 680 -22.57 -11.46 8.55
CA ARG B 680 -21.33 -10.83 8.12
C ARG B 680 -21.52 -10.01 6.86
N PHE B 681 -22.25 -10.57 5.88
CA PHE B 681 -22.48 -9.84 4.63
C PHE B 681 -23.33 -8.59 4.87
N PHE B 682 -24.37 -8.70 5.71
CA PHE B 682 -25.23 -7.55 5.95
C PHE B 682 -24.45 -6.40 6.58
N ARG B 683 -23.61 -6.70 7.57
CA ARG B 683 -22.80 -5.65 8.19
C ARG B 683 -21.84 -5.03 7.19
N PHE B 684 -21.29 -5.83 6.28
CA PHE B 684 -20.38 -5.30 5.27
C PHE B 684 -21.07 -4.28 4.38
N LEU B 685 -22.29 -4.60 3.94
CA LEU B 685 -23.02 -3.67 3.08
C LEU B 685 -23.36 -2.38 3.81
N LEU B 686 -23.73 -2.49 5.09
CA LEU B 686 -24.07 -1.30 5.87
C LEU B 686 -22.88 -0.36 5.99
N ARG B 687 -21.68 -0.92 6.22
CA ARG B 687 -20.49 -0.08 6.32
C ARG B 687 -20.26 0.69 5.03
N LYS B 688 -20.42 0.02 3.88
CA LYS B 688 -20.26 0.69 2.60
C LYS B 688 -21.29 1.79 2.43
N LEU B 689 -22.54 1.54 2.86
CA LEU B 689 -23.59 2.53 2.69
C LEU B 689 -23.27 3.80 3.47
N TYR B 690 -22.74 3.66 4.69
CA TYR B 690 -22.37 4.83 5.47
C TYR B 690 -21.28 5.63 4.78
N VAL B 691 -20.30 4.94 4.19
CA VAL B 691 -19.20 5.62 3.51
C VAL B 691 -19.73 6.43 2.33
N PHE B 692 -20.60 5.82 1.52
CA PHE B 692 -21.15 6.52 0.37
C PHE B 692 -22.06 7.66 0.79
N ARG B 693 -22.93 7.42 1.78
CA ARG B 693 -23.86 8.45 2.21
C ARG B 693 -23.13 9.65 2.82
N ARG B 694 -22.11 9.39 3.64
CA ARG B 694 -21.38 10.48 4.27
C ARG B 694 -20.67 11.35 3.24
N SER B 695 -20.07 10.74 2.21
CA SER B 695 -19.36 11.51 1.20
C SER B 695 -20.31 12.43 0.46
N PHE B 696 -21.52 11.94 0.13
CA PHE B 696 -22.49 12.77 -0.58
C PHE B 696 -22.94 13.95 0.26
N LEU B 697 -23.21 13.71 1.55
CA LEU B 697 -23.72 14.79 2.40
C LEU B 697 -22.65 15.83 2.69
N MET B 698 -21.41 15.39 2.93
CA MET B 698 -20.35 16.34 3.20
C MET B 698 -20.07 17.22 1.98
N THR B 699 -20.12 16.63 0.77
CA THR B 699 -19.93 17.43 -0.44
C THR B 699 -21.03 18.47 -0.60
N CYS B 700 -22.27 18.11 -0.26
CA CYS B 700 -23.37 19.06 -0.36
C CYS B 700 -23.14 20.27 0.55
N ILE B 701 -22.67 20.03 1.78
CA ILE B 701 -22.41 21.13 2.70
C ILE B 701 -21.35 22.06 2.13
N SER B 702 -20.26 21.50 1.62
CA SER B 702 -19.19 22.33 1.07
C SER B 702 -19.65 23.08 -0.16
N LEU B 703 -20.40 22.42 -1.05
CA LEU B 703 -20.90 23.09 -2.24
C LEU B 703 -21.87 24.22 -1.87
N ARG B 704 -22.69 24.00 -0.86
CA ARG B 704 -23.60 25.06 -0.41
C ARG B 704 -22.84 26.28 0.07
N ASN B 705 -21.75 26.07 0.82
CA ASN B 705 -20.95 27.20 1.29
C ASN B 705 -20.35 27.98 0.13
N LEU B 706 -19.86 27.27 -0.88
CA LEU B 706 -19.21 27.93 -2.02
C LEU B 706 -20.19 28.81 -2.78
N ILE B 707 -21.41 28.32 -3.01
CA ILE B 707 -22.36 29.02 -3.86
C ILE B 707 -23.14 30.05 -3.06
N LEU B 708 -23.88 29.60 -2.05
CA LEU B 708 -24.74 30.51 -1.30
C LEU B 708 -23.94 31.33 -0.30
N GLY B 709 -23.29 30.67 0.64
CA GLY B 709 -22.52 31.34 1.68
C GLY B 709 -22.55 30.56 2.97
N ARG B 710 -21.54 30.77 3.80
CA ARG B 710 -21.42 30.04 5.05
C ARG B 710 -22.54 30.45 6.00
N PRO B 711 -23.29 29.50 6.56
CA PRO B 711 -24.34 29.86 7.52
C PRO B 711 -23.80 30.05 8.92
N SER B 712 -24.69 30.23 9.90
CA SER B 712 -24.27 30.42 11.28
C SER B 712 -23.59 29.15 11.80
N LEU B 713 -22.76 29.34 12.83
CA LEU B 713 -22.01 28.21 13.38
C LEU B 713 -22.93 27.13 13.93
N GLU B 714 -24.01 27.53 14.60
CA GLU B 714 -24.95 26.55 15.13
C GLU B 714 -25.56 25.72 14.00
N GLN B 715 -25.92 26.37 12.89
CA GLN B 715 -26.46 25.63 11.75
C GLN B 715 -25.43 24.66 11.18
N LEU B 716 -24.18 25.11 11.06
CA LEU B 716 -23.13 24.25 10.52
C LEU B 716 -22.90 23.04 11.42
N ALA B 717 -22.94 23.25 12.74
CA ALA B 717 -22.74 22.14 13.67
C ALA B 717 -23.84 21.09 13.51
N GLN B 718 -25.08 21.54 13.35
CA GLN B 718 -26.18 20.59 13.18
C GLN B 718 -26.04 19.79 11.90
N GLU B 719 -25.66 20.44 10.81
CA GLU B 719 -25.53 19.74 9.53
C GLU B 719 -24.43 18.69 9.59
N VAL B 720 -23.29 19.01 10.20
CA VAL B 720 -22.21 18.05 10.33
C VAL B 720 -22.66 16.85 11.16
N THR B 721 -23.44 17.10 12.21
CA THR B 721 -23.96 16.00 13.02
C THR B 721 -24.86 15.10 12.20
N TYR B 722 -25.70 15.69 11.35
CA TYR B 722 -26.58 14.88 10.49
C TYR B 722 -25.78 14.03 9.52
N ALA B 723 -24.73 14.61 8.91
CA ALA B 723 -23.92 13.86 7.96
C ALA B 723 -23.12 12.75 8.63
N ASN B 724 -22.92 12.82 9.95
CA ASN B 724 -22.16 11.80 10.67
C ASN B 724 -23.04 10.68 11.21
N LEU B 725 -24.36 10.75 11.00
CA LEU B 725 -25.25 9.72 11.49
C LEU B 725 -25.01 8.41 10.75
N ARG B 726 -25.12 7.31 11.49
CA ARG B 726 -25.00 6.00 10.87
C ARG B 726 -26.23 5.71 10.02
N PRO B 727 -26.11 4.79 9.06
CA PRO B 727 -27.26 4.48 8.20
C PRO B 727 -28.38 3.79 8.97
N PHE B 728 -29.44 3.42 8.27
CA PHE B 728 -30.61 2.78 8.87
C PHE B 728 -30.97 3.41 10.23
#